data_1I88
#
_entry.id   1I88
#
_cell.length_a   98.292
_cell.length_b   98.292
_cell.length_c   129.676
_cell.angle_alpha   90.00
_cell.angle_beta   90.00
_cell.angle_gamma   120.00
#
_symmetry.space_group_name_H-M   'P 31 2 1'
#
loop_
_entity.id
_entity.type
_entity.pdbx_description
1 polymer 'CHALCONE SYNTHASE 2'
2 non-polymer 'SULFATE ION'
3 water water
#
_entity_poly.entity_id   1
_entity_poly.type   'polypeptide(L)'
_entity_poly.pdbx_seq_one_letter_code
;MVSVSEIRKAQRAEGPATILAIGTANPANCVEQSTYPDFYFKITNSEHKTELKEKFQRMCDKSMIKRRYMYLTEEILKEN
PNVCEYMAPSLDARQDMVVVEVPRLGKEAAVKAIKEWGQPKSKITHLIVCTTSGVDMPGADYQLTKLLGLRPYVKRYMMY
QQG(CSD)FAGGTVLRLAKDLAENNKGARVLVVCSEVTAVTFRGPSDTHLDSLVGQALFGDGAAALIVGSDPVPEIEKPI
FEMVWTAQTIAPDSEGAIDVHLREAGLTFHLLKDVPGIVSKNITKALVEAFEPLGISDYNSIFWIAHPGGPAILDQVEQK
LALKPEKMNATREVLSEYGNMSSACVLFILDEMRKKSTQNGLKTTGEGLEWGVLFGFGPGLTIETVVLRSVAI
;
_entity_poly.pdbx_strand_id   A,B
#
loop_
_chem_comp.id
_chem_comp.type
_chem_comp.name
_chem_comp.formula
SO4 non-polymer 'SULFATE ION' 'O4 S -2'
#
# COMPACT_ATOMS: atom_id res chain seq x y z
N MET A 1 -41.23 -4.42 -30.61
CA MET A 1 -41.70 -5.47 -29.66
C MET A 1 -40.59 -6.01 -28.77
N VAL A 2 -39.47 -6.41 -29.38
CA VAL A 2 -38.37 -7.02 -28.64
C VAL A 2 -37.47 -5.94 -28.05
N SER A 3 -37.15 -6.07 -26.77
CA SER A 3 -36.27 -5.12 -26.10
C SER A 3 -34.79 -5.52 -26.21
N VAL A 4 -34.05 -4.69 -26.95
CA VAL A 4 -32.59 -4.95 -27.02
C VAL A 4 -31.94 -4.62 -25.70
N SER A 5 -32.41 -3.61 -24.96
CA SER A 5 -31.78 -3.30 -23.67
C SER A 5 -31.98 -4.46 -22.69
N GLU A 6 -33.13 -5.13 -22.73
CA GLU A 6 -33.33 -6.31 -21.89
C GLU A 6 -32.38 -7.43 -22.30
N ILE A 7 -32.23 -7.63 -23.61
CA ILE A 7 -31.32 -8.68 -24.08
C ILE A 7 -29.88 -8.39 -23.66
N ARG A 8 -29.44 -7.15 -23.83
CA ARG A 8 -28.06 -6.76 -23.49
C ARG A 8 -27.76 -6.96 -22.02
N LYS A 9 -28.70 -6.56 -21.16
CA LYS A 9 -28.52 -6.74 -19.72
C LYS A 9 -28.44 -8.20 -19.34
N ALA A 10 -29.28 -9.04 -19.91
CA ALA A 10 -29.29 -10.47 -19.65
C ALA A 10 -28.09 -11.19 -20.26
N GLN A 11 -27.49 -10.60 -21.30
CA GLN A 11 -26.42 -11.30 -22.01
C GLN A 11 -25.04 -11.09 -21.42
N ARG A 12 -24.82 -10.02 -20.69
CA ARG A 12 -23.47 -9.71 -20.20
C ARG A 12 -23.11 -10.24 -18.84
N ALA A 13 -21.82 -10.35 -18.53
CA ALA A 13 -21.31 -10.83 -17.26
C ALA A 13 -21.24 -9.65 -16.28
N GLU A 14 -20.93 -9.95 -15.02
CA GLU A 14 -20.88 -8.86 -14.04
C GLU A 14 -19.49 -8.47 -13.56
N GLY A 15 -18.69 -9.42 -13.14
CA GLY A 15 -17.42 -9.19 -12.50
C GLY A 15 -16.23 -9.16 -13.49
N PRO A 16 -15.07 -8.94 -12.91
CA PRO A 16 -13.83 -8.89 -13.66
C PRO A 16 -13.41 -10.23 -14.23
N ALA A 17 -12.83 -10.18 -15.44
CA ALA A 17 -12.31 -11.43 -16.03
C ALA A 17 -11.23 -12.02 -15.14
N THR A 18 -11.29 -13.31 -14.86
CA THR A 18 -10.44 -14.00 -13.92
C THR A 18 -9.76 -15.22 -14.56
N ILE A 19 -8.48 -15.36 -14.29
CA ILE A 19 -7.72 -16.54 -14.74
C ILE A 19 -8.04 -17.64 -13.72
N LEU A 20 -8.67 -18.71 -14.20
CA LEU A 20 -9.11 -19.81 -13.35
C LEU A 20 -8.28 -21.07 -13.41
N ALA A 21 -7.34 -21.15 -14.35
CA ALA A 21 -6.48 -22.30 -14.52
C ALA A 21 -5.32 -21.95 -15.47
N ILE A 22 -4.17 -22.58 -15.27
CA ILE A 22 -3.02 -22.36 -16.14
C ILE A 22 -2.31 -23.71 -16.32
N GLY A 23 -2.02 -24.09 -17.55
CA GLY A 23 -1.31 -25.34 -17.83
C GLY A 23 -0.24 -25.05 -18.89
N THR A 24 0.92 -25.72 -18.79
CA THR A 24 2.00 -25.46 -19.76
C THR A 24 2.55 -26.78 -20.30
N ALA A 25 3.27 -26.69 -21.43
CA ALA A 25 3.86 -27.90 -22.04
C ALA A 25 5.01 -27.50 -22.94
N ASN A 26 5.95 -28.41 -23.12
CA ASN A 26 7.10 -28.15 -24.00
C ASN A 26 7.48 -29.44 -24.72
N PRO A 27 8.12 -29.34 -25.89
CA PRO A 27 8.64 -30.51 -26.58
C PRO A 27 9.56 -31.25 -25.61
N ALA A 28 9.69 -32.57 -25.85
CA ALA A 28 10.52 -33.42 -25.01
C ALA A 28 12.01 -33.17 -25.13
N ASN A 29 12.47 -32.82 -26.32
CA ASN A 29 13.90 -32.63 -26.54
C ASN A 29 14.42 -31.41 -25.77
N CYS A 30 15.24 -31.65 -24.75
CA CYS A 30 15.80 -30.59 -23.94
C CYS A 30 17.20 -30.23 -24.42
N VAL A 31 17.43 -28.98 -24.76
CA VAL A 31 18.70 -28.52 -25.32
C VAL A 31 19.45 -27.60 -24.37
N GLU A 32 20.58 -28.08 -23.88
CA GLU A 32 21.38 -27.31 -22.94
C GLU A 32 22.08 -26.16 -23.64
N GLN A 33 22.05 -24.97 -23.04
CA GLN A 33 22.68 -23.82 -23.63
C GLN A 33 24.21 -23.87 -23.56
N SER A 34 24.76 -24.55 -22.56
CA SER A 34 26.21 -24.68 -22.43
C SER A 34 26.86 -25.40 -23.61
N THR A 35 26.19 -26.35 -24.22
CA THR A 35 26.74 -27.08 -25.36
C THR A 35 26.09 -26.63 -26.67
N TYR A 36 25.26 -25.60 -26.64
CA TYR A 36 24.57 -25.18 -27.87
C TYR A 36 25.45 -24.67 -28.98
N PRO A 37 26.41 -23.80 -28.72
CA PRO A 37 27.30 -23.33 -29.78
C PRO A 37 27.90 -24.46 -30.60
N ASP A 38 28.42 -25.48 -29.93
CA ASP A 38 29.00 -26.62 -30.64
C ASP A 38 27.93 -27.34 -31.44
N PHE A 39 26.78 -27.66 -30.86
CA PHE A 39 25.71 -28.36 -31.57
C PHE A 39 25.25 -27.56 -32.78
N TYR A 40 25.00 -26.26 -32.59
CA TYR A 40 24.48 -25.41 -33.66
C TYR A 40 25.45 -25.18 -34.81
N PHE A 41 26.71 -24.90 -34.45
CA PHE A 41 27.71 -24.71 -35.52
C PHE A 41 27.99 -26.02 -36.25
N LYS A 42 27.89 -27.16 -35.60
CA LYS A 42 28.10 -28.45 -36.28
C LYS A 42 26.93 -28.77 -37.19
N ILE A 43 25.69 -28.68 -36.69
CA ILE A 43 24.52 -29.05 -37.52
C ILE A 43 24.25 -28.11 -38.68
N THR A 44 24.78 -26.89 -38.67
CA THR A 44 24.65 -25.94 -39.74
C THR A 44 25.91 -25.88 -40.63
N ASN A 45 26.82 -26.81 -40.39
CA ASN A 45 28.03 -26.92 -41.22
C ASN A 45 28.83 -25.63 -41.20
N SER A 46 28.95 -25.05 -40.01
CA SER A 46 29.61 -23.78 -39.85
C SER A 46 30.80 -23.83 -38.91
N GLU A 47 31.36 -25.02 -38.65
CA GLU A 47 32.48 -25.11 -37.73
C GLU A 47 33.72 -24.35 -38.18
N HIS A 48 33.88 -24.09 -39.48
CA HIS A 48 35.05 -23.36 -39.95
C HIS A 48 34.96 -21.87 -39.68
N LYS A 49 33.79 -21.35 -39.31
CA LYS A 49 33.60 -19.93 -39.04
C LYS A 49 33.90 -19.68 -37.57
N THR A 50 35.17 -19.76 -37.21
CA THR A 50 35.65 -19.65 -35.84
C THR A 50 35.28 -18.33 -35.19
N GLU A 51 35.50 -17.20 -35.86
CA GLU A 51 35.18 -15.93 -35.21
C GLU A 51 33.68 -15.78 -34.99
N LEU A 52 32.87 -16.23 -35.96
CA LEU A 52 31.41 -16.14 -35.78
C LEU A 52 30.95 -17.06 -34.66
N LYS A 53 31.56 -18.21 -34.50
CA LYS A 53 31.25 -19.15 -33.43
C LYS A 53 31.56 -18.53 -32.07
N GLU A 54 32.66 -17.80 -31.94
CA GLU A 54 33.02 -17.09 -30.73
C GLU A 54 31.98 -16.02 -30.42
N LYS A 55 31.48 -15.31 -31.44
CA LYS A 55 30.42 -14.32 -31.21
C LYS A 55 29.17 -15.02 -30.70
N PHE A 56 28.83 -16.18 -31.24
CA PHE A 56 27.64 -16.92 -30.81
C PHE A 56 27.84 -17.44 -29.40
N GLN A 57 29.04 -17.92 -29.07
CA GLN A 57 29.31 -18.37 -27.71
C GLN A 57 29.04 -17.23 -26.72
N ARG A 58 29.45 -16.01 -27.05
CA ARG A 58 29.23 -14.89 -26.16
C ARG A 58 27.73 -14.61 -26.06
N MET A 59 27.00 -14.70 -27.17
CA MET A 59 25.55 -14.48 -27.11
C MET A 59 24.91 -15.49 -26.17
N CYS A 60 25.24 -16.77 -26.27
CA CYS A 60 24.73 -17.81 -25.41
C CYS A 60 25.15 -17.60 -23.95
N ASP A 61 26.40 -17.23 -23.71
CA ASP A 61 26.86 -16.99 -22.34
C ASP A 61 26.15 -15.80 -21.70
N LYS A 62 25.78 -14.80 -22.48
CA LYS A 62 25.08 -13.63 -21.95
C LYS A 62 23.57 -13.82 -21.87
N SER A 63 23.03 -14.85 -22.50
CA SER A 63 21.59 -15.05 -22.63
C SER A 63 20.87 -15.24 -21.31
N MET A 64 21.51 -15.77 -20.30
CA MET A 64 20.89 -16.10 -19.01
C MET A 64 19.86 -17.18 -19.18
N ILE A 65 20.03 -18.02 -20.19
CA ILE A 65 19.21 -19.17 -20.50
C ILE A 65 20.04 -20.42 -20.20
N LYS A 66 19.55 -21.33 -19.37
CA LYS A 66 20.29 -22.58 -19.11
C LYS A 66 19.90 -23.66 -20.10
N ARG A 67 18.65 -23.70 -20.53
CA ARG A 67 18.19 -24.70 -21.47
C ARG A 67 16.91 -24.25 -22.17
N ARG A 68 16.63 -24.91 -23.28
CA ARG A 68 15.44 -24.65 -24.06
C ARG A 68 14.90 -26.00 -24.52
N TYR A 69 13.61 -26.09 -24.80
CA TYR A 69 12.98 -27.29 -25.33
C TYR A 69 12.70 -27.04 -26.80
N MET A 70 13.15 -27.97 -27.65
N MET A 70 13.14 -27.95 -27.67
CA MET A 70 13.00 -27.86 -29.08
CA MET A 70 12.95 -27.78 -29.11
C MET A 70 12.33 -29.05 -29.75
C MET A 70 12.32 -29.02 -29.74
N TYR A 71 11.38 -28.72 -30.64
CA TYR A 71 10.78 -29.71 -31.52
C TYR A 71 11.87 -30.19 -32.47
N LEU A 72 12.71 -29.26 -32.96
CA LEU A 72 13.78 -29.66 -33.87
C LEU A 72 14.83 -30.48 -33.14
N THR A 73 15.19 -31.58 -33.80
CA THR A 73 16.19 -32.49 -33.28
C THR A 73 17.30 -32.64 -34.30
N GLU A 74 18.39 -33.28 -33.89
CA GLU A 74 19.47 -33.54 -34.85
C GLU A 74 18.95 -34.35 -36.03
N GLU A 75 18.15 -35.38 -35.80
CA GLU A 75 17.59 -36.18 -36.88
C GLU A 75 16.77 -35.37 -37.86
N ILE A 76 15.83 -34.57 -37.35
CA ILE A 76 14.98 -33.75 -38.20
C ILE A 76 15.81 -32.76 -39.00
N LEU A 77 16.81 -32.14 -38.37
CA LEU A 77 17.67 -31.19 -39.09
C LEU A 77 18.51 -31.87 -40.15
N LYS A 78 18.94 -33.12 -39.89
CA LYS A 78 19.72 -33.83 -40.93
C LYS A 78 18.84 -34.18 -42.12
N GLU A 79 17.52 -34.31 -41.96
CA GLU A 79 16.60 -34.52 -43.06
C GLU A 79 16.20 -33.24 -43.78
N ASN A 80 16.61 -32.09 -43.24
CA ASN A 80 16.27 -30.79 -43.78
C ASN A 80 17.43 -29.84 -43.92
N PRO A 81 18.36 -30.10 -44.84
CA PRO A 81 19.50 -29.24 -45.06
C PRO A 81 19.11 -27.84 -45.39
N ASN A 82 18.00 -27.59 -46.09
CA ASN A 82 17.55 -26.26 -46.44
C ASN A 82 17.25 -25.42 -45.19
N VAL A 83 16.79 -26.08 -44.13
CA VAL A 83 16.52 -25.39 -42.86
C VAL A 83 17.82 -25.04 -42.12
N CYS A 84 18.90 -25.79 -42.37
CA CYS A 84 20.19 -25.56 -41.75
C CYS A 84 21.00 -24.47 -42.41
N GLU A 85 20.66 -24.13 -43.65
CA GLU A 85 21.34 -23.00 -44.30
C GLU A 85 20.81 -21.70 -43.74
N TYR A 86 21.58 -20.61 -43.86
CA TYR A 86 21.09 -19.31 -43.46
C TYR A 86 19.86 -18.94 -44.28
N MET A 87 19.92 -19.09 -45.62
CA MET A 87 18.80 -18.64 -46.44
C MET A 87 18.50 -19.52 -47.63
N ALA A 88 17.73 -20.58 -47.42
CA ALA A 88 17.33 -21.48 -48.48
C ALA A 88 15.82 -21.69 -48.46
N PRO A 89 15.20 -21.92 -49.60
CA PRO A 89 13.77 -22.14 -49.72
C PRO A 89 13.40 -23.34 -48.87
N SER A 90 12.54 -23.12 -47.85
CA SER A 90 12.25 -24.16 -46.87
C SER A 90 10.93 -23.93 -46.14
N LEU A 91 10.13 -22.97 -46.56
CA LEU A 91 8.88 -22.73 -45.84
C LEU A 91 7.93 -23.92 -45.85
N ASP A 92 7.83 -24.65 -46.95
CA ASP A 92 6.89 -25.78 -47.00
C ASP A 92 7.29 -26.83 -45.96
N ALA A 93 8.58 -27.14 -45.88
CA ALA A 93 9.04 -28.11 -44.88
C ALA A 93 8.78 -27.60 -43.47
N ARG A 94 9.03 -26.32 -43.23
CA ARG A 94 8.81 -25.73 -41.91
C ARG A 94 7.32 -25.72 -41.55
N GLN A 95 6.47 -25.33 -42.46
CA GLN A 95 5.01 -25.33 -42.30
C GLN A 95 4.51 -26.74 -41.99
N ASP A 96 5.03 -27.74 -42.72
CA ASP A 96 4.61 -29.11 -42.44
C ASP A 96 4.93 -29.51 -41.01
N MET A 97 6.02 -29.03 -40.42
CA MET A 97 6.33 -29.30 -39.03
C MET A 97 5.37 -28.56 -38.10
N VAL A 98 5.25 -27.24 -38.27
CA VAL A 98 4.48 -26.45 -37.30
C VAL A 98 2.98 -26.50 -37.41
N VAL A 99 2.41 -26.81 -38.56
CA VAL A 99 0.95 -26.92 -38.69
C VAL A 99 0.45 -28.04 -37.77
N VAL A 100 1.23 -29.09 -37.58
CA VAL A 100 0.94 -30.17 -36.66
C VAL A 100 1.49 -29.91 -35.26
N GLU A 101 2.72 -29.44 -35.07
CA GLU A 101 3.30 -29.30 -33.74
C GLU A 101 2.64 -28.20 -32.91
N VAL A 102 2.20 -27.10 -33.52
CA VAL A 102 1.56 -26.03 -32.75
C VAL A 102 0.32 -26.52 -32.03
N PRO A 103 -0.61 -27.16 -32.73
CA PRO A 103 -1.77 -27.71 -32.04
C PRO A 103 -1.44 -28.90 -31.17
N ARG A 104 -0.42 -29.72 -31.47
CA ARG A 104 -0.04 -30.83 -30.62
C ARG A 104 0.40 -30.37 -29.24
N LEU A 105 1.31 -29.40 -29.23
CA LEU A 105 1.82 -28.85 -27.98
C LEU A 105 0.76 -28.04 -27.25
N GLY A 106 -0.08 -27.33 -27.99
CA GLY A 106 -1.20 -26.57 -27.44
C GLY A 106 -2.18 -27.49 -26.73
N LYS A 107 -2.47 -28.66 -27.32
CA LYS A 107 -3.37 -29.60 -26.68
C LYS A 107 -2.80 -30.08 -25.36
N GLU A 108 -1.50 -30.37 -25.27
CA GLU A 108 -0.92 -30.81 -24.00
C GLU A 108 -1.15 -29.77 -22.91
N ALA A 109 -0.88 -28.50 -23.22
CA ALA A 109 -1.09 -27.43 -22.25
C ALA A 109 -2.57 -27.25 -21.94
N ALA A 110 -3.44 -27.32 -22.95
CA ALA A 110 -4.86 -27.11 -22.72
C ALA A 110 -5.47 -28.22 -21.89
N VAL A 111 -5.05 -29.47 -22.10
CA VAL A 111 -5.58 -30.57 -21.28
C VAL A 111 -5.19 -30.36 -19.83
N LYS A 112 -3.99 -29.86 -19.54
CA LYS A 112 -3.57 -29.58 -18.17
C LYS A 112 -4.38 -28.45 -17.56
N ALA A 113 -4.65 -27.38 -18.32
CA ALA A 113 -5.47 -26.28 -17.79
C ALA A 113 -6.89 -26.74 -17.53
N ILE A 114 -7.47 -27.53 -18.44
CA ILE A 114 -8.83 -28.03 -18.25
C ILE A 114 -8.90 -28.96 -17.03
N LYS A 115 -7.86 -29.75 -16.78
CA LYS A 115 -7.82 -30.62 -15.62
C LYS A 115 -7.82 -29.81 -14.34
N GLU A 116 -7.01 -28.75 -14.26
CA GLU A 116 -7.00 -27.89 -13.07
C GLU A 116 -8.36 -27.24 -12.87
N TRP A 117 -8.94 -26.70 -13.92
CA TRP A 117 -10.24 -26.04 -13.86
C TRP A 117 -11.29 -26.99 -13.30
N GLY A 118 -11.31 -28.19 -13.85
CA GLY A 118 -12.16 -29.26 -13.35
C GLY A 118 -13.59 -29.23 -13.80
N GLN A 119 -13.95 -28.34 -14.71
CA GLN A 119 -15.31 -28.20 -15.19
C GLN A 119 -15.40 -28.83 -16.56
N PRO A 120 -16.60 -29.17 -17.01
CA PRO A 120 -16.78 -29.82 -18.28
C PRO A 120 -16.24 -28.97 -19.43
N LYS A 121 -15.54 -29.62 -20.35
CA LYS A 121 -15.00 -28.91 -21.52
C LYS A 121 -16.11 -28.39 -22.40
N SER A 122 -17.33 -28.95 -22.32
CA SER A 122 -18.47 -28.43 -23.04
C SER A 122 -18.90 -27.04 -22.54
N LYS A 123 -18.38 -26.56 -21.41
CA LYS A 123 -18.72 -25.22 -20.94
C LYS A 123 -17.73 -24.20 -21.49
N ILE A 124 -16.74 -24.59 -22.27
CA ILE A 124 -15.82 -23.63 -22.90
C ILE A 124 -16.57 -23.01 -24.07
N THR A 125 -16.82 -21.68 -24.01
CA THR A 125 -17.60 -21.01 -25.01
C THR A 125 -16.76 -20.26 -26.05
N HIS A 126 -15.52 -19.92 -25.68
CA HIS A 126 -14.64 -19.17 -26.57
C HIS A 126 -13.25 -19.80 -26.51
N LEU A 127 -12.54 -19.74 -27.64
CA LEU A 127 -11.19 -20.27 -27.77
C LEU A 127 -10.32 -19.20 -28.47
N ILE A 128 -9.25 -18.81 -27.83
CA ILE A 128 -8.24 -17.92 -28.43
C ILE A 128 -6.96 -18.76 -28.62
N VAL A 129 -6.47 -18.82 -29.87
CA VAL A 129 -5.23 -19.54 -30.14
C VAL A 129 -4.24 -18.52 -30.74
N CYS A 130 -3.05 -18.51 -30.19
CA CYS A 130 -2.05 -17.55 -30.65
C CYS A 130 -0.73 -18.25 -30.94
N THR A 131 -0.20 -17.95 -32.14
CA THR A 131 1.10 -18.48 -32.51
C THR A 131 1.79 -17.55 -33.50
N THR A 132 3.12 -17.57 -33.48
CA THR A 132 3.91 -16.80 -34.44
C THR A 132 4.59 -17.80 -35.38
N SER A 133 4.25 -19.08 -35.24
CA SER A 133 4.92 -20.12 -36.04
C SER A 133 3.93 -20.86 -36.92
N GLY A 134 3.93 -20.44 -38.17
CA GLY A 134 3.13 -21.07 -39.20
C GLY A 134 1.71 -20.56 -39.25
N VAL A 135 1.06 -20.76 -40.39
CA VAL A 135 -0.32 -20.32 -40.63
C VAL A 135 -0.98 -21.39 -41.49
N ASP A 136 -2.29 -21.56 -41.39
CA ASP A 136 -3.02 -22.51 -42.20
C ASP A 136 -4.50 -22.21 -42.15
N MET A 137 -5.28 -22.74 -43.07
CA MET A 137 -6.72 -22.61 -43.10
C MET A 137 -7.30 -24.00 -43.20
N PRO A 138 -8.39 -24.30 -42.55
CA PRO A 138 -8.68 -24.04 -41.17
C PRO A 138 -7.42 -23.89 -40.31
N GLY A 139 -7.43 -22.99 -39.33
CA GLY A 139 -6.25 -22.78 -38.51
C GLY A 139 -6.06 -23.74 -37.35
N ALA A 140 -5.06 -23.41 -36.52
CA ALA A 140 -4.77 -24.16 -35.31
C ALA A 140 -5.94 -24.11 -34.31
N ASP A 141 -6.82 -23.14 -34.39
CA ASP A 141 -8.01 -23.04 -33.57
C ASP A 141 -8.99 -24.16 -33.92
N TYR A 142 -9.18 -24.37 -35.23
CA TYR A 142 -9.99 -25.51 -35.68
C TYR A 142 -9.33 -26.81 -35.26
N GLN A 143 -8.01 -26.97 -35.41
CA GLN A 143 -7.37 -28.23 -35.03
C GLN A 143 -7.52 -28.49 -33.55
N LEU A 144 -7.37 -27.46 -32.69
CA LEU A 144 -7.52 -27.67 -31.25
C LEU A 144 -8.95 -27.96 -30.84
N THR A 145 -9.91 -27.37 -31.55
CA THR A 145 -11.32 -27.73 -31.32
C THR A 145 -11.54 -29.23 -31.53
N LYS A 146 -10.99 -29.70 -32.64
CA LYS A 146 -11.08 -31.12 -32.96
C LYS A 146 -10.30 -31.95 -31.95
N LEU A 147 -9.03 -31.67 -31.70
CA LEU A 147 -8.19 -32.45 -30.80
C LEU A 147 -8.66 -32.51 -29.36
N LEU A 148 -9.24 -31.42 -28.84
CA LEU A 148 -9.71 -31.36 -27.47
C LEU A 148 -11.15 -31.83 -27.30
N GLY A 149 -11.87 -31.98 -28.40
CA GLY A 149 -13.29 -32.31 -28.32
C GLY A 149 -14.14 -31.16 -27.78
N LEU A 150 -13.80 -29.93 -28.13
CA LEU A 150 -14.66 -28.81 -27.74
C LEU A 150 -15.94 -28.83 -28.57
N ARG A 151 -16.96 -28.11 -28.11
CA ARG A 151 -18.20 -28.02 -28.85
C ARG A 151 -17.89 -27.40 -30.21
N PRO A 152 -18.61 -27.73 -31.26
CA PRO A 152 -18.36 -27.20 -32.59
C PRO A 152 -18.73 -25.72 -32.69
N TYR A 153 -19.55 -25.24 -31.76
CA TYR A 153 -20.00 -23.87 -31.68
C TYR A 153 -19.15 -23.04 -30.71
N VAL A 154 -17.96 -23.54 -30.36
CA VAL A 154 -17.03 -22.68 -29.60
C VAL A 154 -16.72 -21.48 -30.49
N LYS A 155 -16.64 -20.28 -29.91
CA LYS A 155 -16.35 -19.05 -30.66
C LYS A 155 -14.83 -18.86 -30.68
N ARG A 156 -14.27 -18.92 -31.89
CA ARG A 156 -12.81 -18.93 -32.06
C ARG A 156 -12.21 -17.64 -32.52
N TYR A 157 -11.00 -17.37 -32.04
CA TYR A 157 -10.20 -16.18 -32.34
C TYR A 157 -8.77 -16.68 -32.63
N MET A 158 -8.46 -16.70 -33.94
CA MET A 158 -7.17 -17.26 -34.37
C MET A 158 -6.15 -16.16 -34.62
N MET A 159 -5.22 -16.07 -33.68
CA MET A 159 -4.24 -14.99 -33.68
C MET A 159 -2.92 -15.51 -34.27
N TYR A 160 -2.73 -15.20 -35.54
CA TYR A 160 -1.56 -15.67 -36.27
C TYR A 160 -0.53 -14.56 -36.44
N GLN A 161 0.74 -14.95 -36.52
CA GLN A 161 1.84 -14.03 -36.82
C GLN A 161 1.80 -12.81 -35.93
N GLN A 162 1.65 -13.09 -34.63
CA GLN A 162 1.47 -12.04 -33.66
C GLN A 162 2.74 -11.40 -33.15
N GLY A 163 3.72 -12.23 -32.78
CA GLY A 163 4.95 -11.66 -32.25
C GLY A 163 5.00 -11.80 -30.75
N CSD A 164 6.11 -11.33 -30.18
CA CSD A 164 6.47 -11.56 -28.81
CB CSD A 164 7.94 -11.20 -28.53
SG CSD A 164 9.07 -12.32 -28.95
C CSD A 164 5.62 -10.82 -27.79
O CSD A 164 5.73 -11.19 -26.61
OD1 CSD A 164 9.03 -12.26 -30.39
OD2 CSD A 164 10.33 -11.81 -28.33
N PHE A 165 4.84 -9.82 -28.15
CA PHE A 165 4.02 -9.12 -27.16
C PHE A 165 2.67 -9.78 -27.00
N ALA A 166 2.36 -10.83 -27.75
CA ALA A 166 1.01 -11.37 -27.80
C ALA A 166 0.54 -12.20 -26.63
N GLY A 167 1.39 -12.48 -25.64
CA GLY A 167 0.91 -13.00 -24.36
C GLY A 167 0.01 -11.91 -23.77
N GLY A 168 0.42 -10.64 -23.88
CA GLY A 168 -0.43 -9.55 -23.37
C GLY A 168 -1.68 -9.43 -24.23
N THR A 169 -1.57 -9.57 -25.55
CA THR A 169 -2.68 -9.43 -26.47
C THR A 169 -3.79 -10.44 -26.16
N VAL A 170 -3.41 -11.71 -25.93
CA VAL A 170 -4.49 -12.68 -25.70
C VAL A 170 -5.17 -12.40 -24.36
N LEU A 171 -4.48 -11.87 -23.38
CA LEU A 171 -5.14 -11.52 -22.11
C LEU A 171 -6.07 -10.35 -22.34
N ARG A 172 -5.64 -9.33 -23.09
CA ARG A 172 -6.48 -8.16 -23.38
C ARG A 172 -7.74 -8.62 -24.09
N LEU A 173 -7.63 -9.53 -25.06
CA LEU A 173 -8.80 -10.04 -25.76
C LEU A 173 -9.69 -10.87 -24.83
N ALA A 174 -9.10 -11.82 -24.12
CA ALA A 174 -9.92 -12.67 -23.24
C ALA A 174 -10.71 -11.86 -22.21
N LYS A 175 -10.10 -10.78 -21.71
CA LYS A 175 -10.83 -9.94 -20.76
C LYS A 175 -12.16 -9.50 -21.34
N ASP A 176 -12.22 -8.97 -22.56
CA ASP A 176 -13.48 -8.47 -23.12
C ASP A 176 -14.46 -9.59 -23.40
N LEU A 177 -13.94 -10.73 -23.88
CA LEU A 177 -14.84 -11.85 -24.17
C LEU A 177 -15.51 -12.33 -22.89
N ALA A 178 -14.74 -12.55 -21.84
CA ALA A 178 -15.31 -13.02 -20.57
C ALA A 178 -16.22 -11.99 -19.94
N GLU A 179 -15.85 -10.71 -19.92
CA GLU A 179 -16.66 -9.74 -19.19
C GLU A 179 -17.93 -9.36 -19.88
N ASN A 180 -18.01 -9.46 -21.20
CA ASN A 180 -19.19 -9.05 -21.92
C ASN A 180 -20.25 -10.14 -22.09
N ASN A 181 -19.92 -11.36 -21.71
CA ASN A 181 -20.75 -12.51 -22.01
C ASN A 181 -20.99 -13.39 -20.79
N LYS A 182 -22.24 -13.36 -20.31
CA LYS A 182 -22.59 -14.11 -19.11
C LYS A 182 -22.35 -15.61 -19.31
N GLY A 183 -21.62 -16.19 -18.38
CA GLY A 183 -21.30 -17.60 -18.47
C GLY A 183 -20.08 -17.92 -19.32
N ALA A 184 -19.54 -16.95 -20.05
CA ALA A 184 -18.45 -17.30 -20.97
C ALA A 184 -17.24 -17.82 -20.22
N ARG A 185 -16.63 -18.85 -20.80
CA ARG A 185 -15.42 -19.47 -20.28
C ARG A 185 -14.49 -19.59 -21.49
N VAL A 186 -13.39 -18.85 -21.41
CA VAL A 186 -12.48 -18.73 -22.54
C VAL A 186 -11.24 -19.59 -22.36
N LEU A 187 -10.98 -20.50 -23.30
CA LEU A 187 -9.75 -21.29 -23.30
C LEU A 187 -8.74 -20.48 -24.13
N VAL A 188 -7.62 -20.13 -23.55
CA VAL A 188 -6.59 -19.33 -24.23
C VAL A 188 -5.39 -20.22 -24.43
N VAL A 189 -4.86 -20.34 -25.65
CA VAL A 189 -3.69 -21.19 -25.91
C VAL A 189 -2.64 -20.45 -26.72
N CYS A 190 -1.47 -20.21 -26.15
CA CYS A 190 -0.31 -19.68 -26.88
C CYS A 190 0.63 -20.86 -27.12
N SER A 191 0.99 -21.09 -28.38
CA SER A 191 1.87 -22.24 -28.67
C SER A 191 2.89 -21.85 -29.73
N GLU A 192 4.15 -21.94 -29.34
CA GLU A 192 5.22 -21.35 -30.15
C GLU A 192 6.30 -22.40 -30.38
N VAL A 193 6.64 -22.57 -31.67
CA VAL A 193 7.62 -23.59 -32.07
C VAL A 193 8.62 -22.91 -33.00
N THR A 194 9.90 -23.10 -32.76
CA THR A 194 10.95 -22.39 -33.50
C THR A 194 11.34 -23.02 -34.81
N ALA A 195 10.62 -24.04 -35.28
CA ALA A 195 10.95 -24.63 -36.58
C ALA A 195 10.83 -23.63 -37.69
N VAL A 196 10.03 -22.56 -37.63
CA VAL A 196 9.94 -21.64 -38.76
C VAL A 196 11.03 -20.59 -38.70
N THR A 197 11.71 -20.43 -37.57
CA THR A 197 12.77 -19.42 -37.48
C THR A 197 14.18 -19.99 -37.46
N PHE A 198 14.37 -21.25 -37.14
CA PHE A 198 15.73 -21.80 -37.07
C PHE A 198 16.44 -21.65 -38.40
N ARG A 199 17.69 -21.19 -38.37
CA ARG A 199 18.42 -21.12 -39.65
C ARG A 199 19.90 -21.04 -39.30
N GLY A 200 20.74 -21.24 -40.30
CA GLY A 200 22.19 -21.21 -40.08
C GLY A 200 22.70 -19.78 -39.88
N PRO A 201 23.97 -19.69 -39.48
CA PRO A 201 24.55 -18.42 -39.13
C PRO A 201 25.20 -17.70 -40.31
N SER A 202 25.20 -16.38 -40.24
CA SER A 202 25.83 -15.54 -41.27
C SER A 202 26.48 -14.37 -40.58
N ASP A 203 27.78 -14.12 -40.84
CA ASP A 203 28.49 -13.05 -40.14
C ASP A 203 28.09 -11.64 -40.53
N THR A 204 27.26 -11.46 -41.55
CA THR A 204 26.73 -10.17 -41.93
C THR A 204 25.31 -10.03 -41.38
N HIS A 205 24.80 -11.07 -40.71
CA HIS A 205 23.45 -11.04 -40.14
C HIS A 205 23.46 -11.42 -38.67
N LEU A 206 24.12 -10.62 -37.83
CA LEU A 206 24.23 -10.91 -36.40
C LEU A 206 22.91 -10.76 -35.64
N ASP A 207 22.01 -9.97 -36.19
CA ASP A 207 20.67 -9.81 -35.59
C ASP A 207 19.89 -11.10 -35.67
N SER A 208 20.00 -11.75 -36.84
CA SER A 208 19.34 -13.05 -37.00
C SER A 208 19.94 -14.07 -36.06
N LEU A 209 21.28 -13.99 -35.87
CA LEU A 209 21.98 -14.93 -35.04
C LEU A 209 21.55 -14.89 -33.59
N VAL A 210 21.25 -13.70 -33.04
CA VAL A 210 20.84 -13.60 -31.64
C VAL A 210 19.57 -14.39 -31.37
N GLY A 211 18.63 -14.41 -32.31
CA GLY A 211 17.44 -15.22 -32.20
C GLY A 211 17.72 -16.68 -31.97
N GLN A 212 18.75 -17.22 -32.64
CA GLN A 212 19.17 -18.58 -32.48
C GLN A 212 19.68 -18.91 -31.08
N ALA A 213 20.17 -17.89 -30.34
CA ALA A 213 20.57 -18.09 -28.96
C ALA A 213 19.39 -17.99 -27.99
N LEU A 214 18.31 -17.32 -28.39
CA LEU A 214 17.25 -17.05 -27.42
C LEU A 214 15.94 -17.79 -27.55
N PHE A 215 15.46 -18.04 -28.75
N PHE A 215 15.44 -18.03 -28.75
CA PHE A 215 14.13 -18.61 -28.92
CA PHE A 215 14.10 -18.59 -28.90
C PHE A 215 14.05 -20.08 -28.60
C PHE A 215 13.99 -20.08 -28.67
N GLY A 216 12.97 -20.43 -27.88
CA GLY A 216 12.69 -21.81 -27.52
C GLY A 216 11.19 -22.10 -27.66
N ASP A 217 10.86 -23.38 -27.55
CA ASP A 217 9.51 -23.85 -27.79
C ASP A 217 8.72 -24.04 -26.51
N GLY A 218 7.39 -23.80 -26.63
CA GLY A 218 6.54 -24.03 -25.45
C GLY A 218 5.12 -23.58 -25.77
N ALA A 219 4.19 -24.13 -24.96
CA ALA A 219 2.79 -23.73 -25.02
C ALA A 219 2.26 -23.51 -23.61
N ALA A 220 1.33 -22.56 -23.52
CA ALA A 220 0.66 -22.26 -22.25
C ALA A 220 -0.83 -22.10 -22.54
N ALA A 221 -1.64 -22.58 -21.61
CA ALA A 221 -3.09 -22.45 -21.76
C ALA A 221 -3.71 -21.90 -20.49
N LEU A 222 -4.79 -21.14 -20.66
CA LEU A 222 -5.51 -20.54 -19.54
C LEU A 222 -7.00 -20.85 -19.71
N ILE A 223 -7.71 -20.86 -18.57
CA ILE A 223 -9.16 -20.72 -18.60
C ILE A 223 -9.45 -19.33 -17.98
N VAL A 224 -10.18 -18.51 -18.72
CA VAL A 224 -10.54 -17.17 -18.24
C VAL A 224 -12.06 -17.02 -18.21
N GLY A 225 -12.56 -16.49 -17.09
CA GLY A 225 -13.99 -16.22 -17.01
C GLY A 225 -14.34 -15.18 -15.95
N SER A 226 -15.53 -14.58 -16.16
CA SER A 226 -16.05 -13.65 -15.16
C SER A 226 -17.03 -14.44 -14.27
N ASP A 227 -17.30 -13.94 -13.08
CA ASP A 227 -18.29 -14.54 -12.17
C ASP A 227 -17.98 -16.00 -11.87
N PRO A 228 -16.83 -16.25 -11.25
CA PRO A 228 -16.45 -17.61 -10.89
C PRO A 228 -17.44 -18.22 -9.90
N VAL A 229 -17.69 -19.51 -10.06
CA VAL A 229 -18.60 -20.17 -9.11
C VAL A 229 -17.82 -20.41 -7.82
N PRO A 230 -18.27 -19.76 -6.73
CA PRO A 230 -17.63 -19.85 -5.44
C PRO A 230 -17.41 -21.27 -4.98
N GLU A 231 -16.21 -21.60 -4.51
CA GLU A 231 -15.91 -22.92 -3.99
C GLU A 231 -15.94 -24.05 -5.00
N ILE A 232 -16.08 -23.80 -6.29
CA ILE A 232 -16.10 -24.78 -7.35
C ILE A 232 -14.97 -24.41 -8.34
N GLU A 233 -15.04 -23.15 -8.77
CA GLU A 233 -13.95 -22.59 -9.58
C GLU A 233 -13.00 -21.88 -8.62
N LYS A 234 -11.76 -21.74 -9.06
CA LYS A 234 -10.74 -21.18 -8.19
C LYS A 234 -9.93 -20.09 -8.89
N PRO A 235 -10.26 -18.85 -8.58
CA PRO A 235 -9.56 -17.70 -9.13
C PRO A 235 -8.08 -17.76 -8.79
N ILE A 236 -7.24 -17.31 -9.75
CA ILE A 236 -5.79 -17.22 -9.59
C ILE A 236 -5.36 -15.76 -9.68
N PHE A 237 -5.78 -15.06 -10.74
CA PHE A 237 -5.53 -13.65 -10.92
C PHE A 237 -6.75 -13.00 -11.57
N GLU A 238 -7.01 -11.73 -11.28
CA GLU A 238 -8.06 -10.99 -11.96
C GLU A 238 -7.42 -9.93 -12.87
N MET A 239 -8.00 -9.75 -14.05
CA MET A 239 -7.57 -8.64 -14.90
C MET A 239 -8.44 -7.42 -14.61
N VAL A 240 -7.84 -6.24 -14.60
CA VAL A 240 -8.57 -5.03 -14.25
C VAL A 240 -8.51 -3.96 -15.32
N TRP A 241 -7.41 -3.87 -16.07
CA TRP A 241 -7.22 -2.78 -17.04
C TRP A 241 -6.10 -3.21 -18.00
N THR A 242 -6.27 -2.84 -19.25
CA THR A 242 -5.28 -3.17 -20.27
C THR A 242 -4.97 -1.97 -21.16
N ALA A 243 -3.80 -2.02 -21.82
CA ALA A 243 -3.41 -1.03 -22.79
C ALA A 243 -2.42 -1.68 -23.78
N GLN A 244 -2.31 -1.05 -24.94
CA GLN A 244 -1.33 -1.43 -25.94
C GLN A 244 -0.81 -0.10 -26.52
N THR A 245 0.52 0.01 -26.71
CA THR A 245 1.02 1.23 -27.34
C THR A 245 2.24 0.92 -28.20
N ILE A 246 2.55 1.89 -29.05
CA ILE A 246 3.74 1.84 -29.93
C ILE A 246 4.69 2.89 -29.40
N ALA A 247 5.90 2.46 -29.04
CA ALA A 247 6.88 3.40 -28.48
C ALA A 247 7.39 4.36 -29.55
N PRO A 248 7.60 5.61 -29.18
CA PRO A 248 8.15 6.59 -30.11
C PRO A 248 9.58 6.24 -30.47
N ASP A 249 10.01 6.66 -31.67
CA ASP A 249 11.37 6.45 -32.12
C ASP A 249 11.80 4.99 -32.12
N SER A 250 10.89 4.12 -32.56
CA SER A 250 11.14 2.68 -32.51
C SER A 250 10.89 1.99 -33.84
N GLU A 251 10.61 2.76 -34.88
CA GLU A 251 10.27 2.17 -36.16
C GLU A 251 11.35 1.22 -36.67
N GLY A 252 10.95 0.01 -37.02
CA GLY A 252 11.89 -0.99 -37.53
C GLY A 252 12.71 -1.66 -36.45
N ALA A 253 12.41 -1.46 -35.17
CA ALA A 253 13.21 -2.10 -34.13
C ALA A 253 13.26 -3.60 -34.28
N ILE A 254 12.09 -4.22 -34.50
CA ILE A 254 11.94 -5.65 -34.68
C ILE A 254 11.03 -5.91 -35.89
N ASP A 255 11.61 -6.31 -37.01
CA ASP A 255 10.86 -6.62 -38.23
C ASP A 255 11.02 -8.11 -38.55
N VAL A 256 9.90 -8.82 -38.67
CA VAL A 256 9.94 -10.27 -38.85
C VAL A 256 9.09 -10.63 -40.05
N HIS A 257 9.70 -11.19 -41.10
CA HIS A 257 8.98 -11.48 -42.34
C HIS A 257 8.80 -12.96 -42.59
N LEU A 258 7.66 -13.36 -43.12
CA LEU A 258 7.43 -14.76 -43.49
C LEU A 258 7.71 -14.87 -44.99
N ARG A 259 8.79 -15.59 -45.30
CA ARG A 259 9.24 -15.69 -46.68
C ARG A 259 9.37 -17.15 -47.08
N GLU A 260 9.81 -17.37 -48.33
CA GLU A 260 10.03 -18.72 -48.83
C GLU A 260 11.10 -19.44 -48.01
N ALA A 261 12.02 -18.71 -47.38
CA ALA A 261 13.03 -19.29 -46.53
C ALA A 261 12.62 -19.41 -45.06
N GLY A 262 11.34 -19.19 -44.78
CA GLY A 262 10.85 -19.25 -43.41
C GLY A 262 10.72 -17.85 -42.83
N LEU A 263 10.66 -17.81 -41.50
CA LEU A 263 10.51 -16.54 -40.78
C LEU A 263 11.85 -15.92 -40.48
N THR A 264 12.11 -14.72 -40.96
CA THR A 264 13.40 -14.06 -40.83
C THR A 264 13.27 -12.86 -39.88
N PHE A 265 14.15 -12.86 -38.91
CA PHE A 265 14.17 -11.85 -37.85
C PHE A 265 15.23 -10.80 -38.04
N HIS A 266 14.83 -9.54 -38.19
CA HIS A 266 15.72 -8.42 -38.43
C HIS A 266 15.61 -7.43 -37.27
N LEU A 267 16.75 -6.97 -36.75
CA LEU A 267 16.74 -6.03 -35.63
C LEU A 267 17.40 -4.72 -36.04
N LEU A 268 16.79 -3.59 -35.69
CA LEU A 268 17.33 -2.33 -36.13
C LEU A 268 17.61 -1.33 -35.01
N LYS A 269 17.03 -1.50 -33.83
CA LYS A 269 17.30 -0.45 -32.82
C LYS A 269 17.62 -1.06 -31.47
N ASP A 270 17.89 -0.20 -30.50
CA ASP A 270 18.19 -0.63 -29.13
C ASP A 270 16.90 -0.95 -28.38
N VAL A 271 16.49 -2.21 -28.43
CA VAL A 271 15.24 -2.63 -27.76
C VAL A 271 15.26 -2.43 -26.28
N PRO A 272 16.25 -2.88 -25.52
CA PRO A 272 16.31 -2.63 -24.08
C PRO A 272 16.21 -1.15 -23.78
N GLY A 273 16.86 -0.26 -24.54
CA GLY A 273 16.83 1.17 -24.34
C GLY A 273 15.43 1.75 -24.54
N ILE A 274 14.80 1.33 -25.64
CA ILE A 274 13.45 1.82 -25.94
C ILE A 274 12.45 1.34 -24.88
N VAL A 275 12.54 0.06 -24.53
CA VAL A 275 11.62 -0.45 -23.51
C VAL A 275 11.83 0.31 -22.20
N SER A 276 13.07 0.40 -21.73
CA SER A 276 13.31 1.08 -20.45
C SER A 276 12.98 2.56 -20.51
N LYS A 277 13.12 3.24 -21.63
CA LYS A 277 12.78 4.64 -21.75
C LYS A 277 11.27 4.87 -21.70
N ASN A 278 10.48 3.90 -22.15
CA ASN A 278 9.04 4.06 -22.23
C ASN A 278 8.23 3.31 -21.18
N ILE A 279 8.88 2.51 -20.35
CA ILE A 279 8.10 1.71 -19.37
C ILE A 279 7.48 2.59 -18.30
N THR A 280 8.13 3.68 -17.90
CA THR A 280 7.58 4.48 -16.81
C THR A 280 6.27 5.14 -17.21
N LYS A 281 6.15 5.62 -18.45
CA LYS A 281 4.91 6.22 -18.91
C LYS A 281 3.79 5.16 -18.88
N ALA A 282 4.13 3.91 -19.24
CA ALA A 282 3.12 2.85 -19.26
C ALA A 282 2.67 2.51 -17.84
N LEU A 283 3.59 2.55 -16.87
CA LEU A 283 3.25 2.36 -15.48
C LEU A 283 2.42 3.52 -14.94
N VAL A 284 2.75 4.79 -15.25
CA VAL A 284 1.91 5.84 -14.68
C VAL A 284 0.51 5.78 -15.29
N GLU A 285 0.33 5.48 -16.57
CA GLU A 285 -1.00 5.36 -17.13
C GLU A 285 -1.84 4.30 -16.39
N ALA A 286 -1.22 3.17 -16.16
CA ALA A 286 -1.89 2.05 -15.51
C ALA A 286 -2.16 2.28 -14.03
N PHE A 287 -1.17 2.80 -13.32
CA PHE A 287 -1.25 2.83 -11.86
C PHE A 287 -1.59 4.15 -11.21
N GLU A 288 -1.46 5.27 -11.92
CA GLU A 288 -1.85 6.55 -11.30
C GLU A 288 -3.31 6.56 -10.92
N PRO A 289 -4.21 6.05 -11.75
CA PRO A 289 -5.63 5.95 -11.43
C PRO A 289 -5.91 5.09 -10.21
N LEU A 290 -5.04 4.16 -9.85
CA LEU A 290 -5.18 3.33 -8.67
C LEU A 290 -4.48 3.92 -7.44
N GLY A 291 -3.84 5.08 -7.58
CA GLY A 291 -3.10 5.74 -6.53
C GLY A 291 -1.81 5.02 -6.16
N ILE A 292 -1.26 4.24 -7.09
CA ILE A 292 -0.04 3.49 -6.81
C ILE A 292 1.14 4.09 -7.57
N SER A 293 2.16 4.47 -6.81
N SER A 293 2.19 4.46 -6.84
CA SER A 293 3.34 5.09 -7.36
CA SER A 293 3.36 5.03 -7.49
C SER A 293 4.60 4.29 -7.07
C SER A 293 4.62 4.28 -7.09
N ASP A 294 4.55 3.44 -6.06
CA ASP A 294 5.70 2.61 -5.67
C ASP A 294 5.70 1.33 -6.52
N TYR A 295 6.59 1.28 -7.49
CA TYR A 295 6.62 0.14 -8.41
C TYR A 295 7.23 -1.11 -7.83
N ASN A 296 7.74 -1.08 -6.60
CA ASN A 296 8.18 -2.26 -5.90
C ASN A 296 7.03 -2.84 -5.05
N SER A 297 5.91 -2.11 -4.98
CA SER A 297 4.80 -2.56 -4.13
C SER A 297 3.81 -3.43 -4.89
N ILE A 298 4.08 -3.63 -6.18
CA ILE A 298 3.28 -4.47 -7.07
C ILE A 298 4.11 -5.66 -7.52
N PHE A 299 3.45 -6.75 -7.92
CA PHE A 299 4.16 -7.92 -8.48
C PHE A 299 4.35 -7.68 -9.98
N TRP A 300 5.38 -8.35 -10.51
CA TRP A 300 5.83 -8.13 -11.86
C TRP A 300 5.96 -9.35 -12.75
N ILE A 301 5.46 -9.18 -13.98
CA ILE A 301 5.59 -10.19 -15.04
C ILE A 301 6.07 -9.42 -16.29
N ALA A 302 7.26 -9.73 -16.80
CA ALA A 302 7.73 -8.99 -17.98
C ALA A 302 8.19 -9.98 -19.05
N HIS A 303 7.85 -9.69 -20.29
CA HIS A 303 8.31 -10.60 -21.36
C HIS A 303 9.83 -10.53 -21.41
N PRO A 304 10.51 -11.66 -21.26
CA PRO A 304 11.96 -11.69 -21.20
C PRO A 304 12.54 -11.76 -22.60
N GLY A 305 12.39 -10.71 -23.39
CA GLY A 305 12.86 -10.67 -24.78
C GLY A 305 14.32 -11.07 -24.83
N GLY A 306 15.06 -10.55 -23.87
CA GLY A 306 16.47 -10.85 -23.61
C GLY A 306 16.71 -10.36 -22.19
N PRO A 307 17.81 -10.74 -21.57
CA PRO A 307 18.16 -10.30 -20.25
C PRO A 307 18.41 -8.81 -20.14
N ALA A 308 18.91 -8.15 -21.20
CA ALA A 308 19.20 -6.72 -21.13
C ALA A 308 17.96 -5.87 -20.96
N ILE A 309 16.82 -6.31 -21.50
CA ILE A 309 15.57 -5.57 -21.28
C ILE A 309 15.26 -5.57 -19.79
N LEU A 310 15.36 -6.74 -19.18
CA LEU A 310 15.09 -6.88 -17.75
C LEU A 310 16.03 -6.05 -16.89
N ASP A 311 17.34 -6.16 -17.19
CA ASP A 311 18.31 -5.41 -16.42
C ASP A 311 18.09 -3.90 -16.51
N GLN A 312 17.82 -3.42 -17.71
CA GLN A 312 17.65 -1.97 -17.92
C GLN A 312 16.36 -1.47 -17.31
N VAL A 313 15.30 -2.29 -17.35
CA VAL A 313 14.07 -1.89 -16.66
C VAL A 313 14.31 -1.86 -15.16
N GLU A 314 14.96 -2.87 -14.61
CA GLU A 314 15.28 -2.94 -13.18
C GLU A 314 16.08 -1.71 -12.75
N GLN A 315 17.13 -1.41 -13.50
CA GLN A 315 17.97 -0.25 -13.17
C GLN A 315 17.20 1.07 -13.28
N LYS A 316 16.45 1.26 -14.36
CA LYS A 316 15.68 2.50 -14.57
C LYS A 316 14.76 2.81 -13.42
N LEU A 317 13.95 1.82 -13.04
CA LEU A 317 12.93 2.01 -12.00
C LEU A 317 13.43 1.78 -10.59
N ALA A 318 14.64 1.32 -10.39
CA ALA A 318 15.12 0.97 -9.06
C ALA A 318 14.26 -0.15 -8.46
N LEU A 319 13.96 -1.15 -9.31
CA LEU A 319 13.24 -2.32 -8.81
C LEU A 319 14.19 -3.12 -7.94
N LYS A 320 13.66 -3.69 -6.85
CA LYS A 320 14.46 -4.63 -6.07
C LYS A 320 14.76 -5.80 -7.00
N PRO A 321 15.94 -6.41 -6.87
CA PRO A 321 16.32 -7.52 -7.72
C PRO A 321 15.35 -8.68 -7.73
N GLU A 322 14.65 -8.92 -6.62
CA GLU A 322 13.71 -10.03 -6.56
C GLU A 322 12.47 -9.80 -7.39
N LYS A 323 12.13 -8.59 -7.79
CA LYS A 323 10.90 -8.36 -8.54
C LYS A 323 10.84 -9.23 -9.79
N MET A 324 11.95 -9.36 -10.50
CA MET A 324 12.01 -10.11 -11.74
C MET A 324 12.32 -11.58 -11.56
N ASN A 325 12.35 -12.10 -10.34
CA ASN A 325 12.70 -13.49 -10.09
C ASN A 325 11.92 -14.49 -10.92
N ALA A 326 10.61 -14.43 -10.92
CA ALA A 326 9.82 -15.41 -11.67
C ALA A 326 10.10 -15.27 -13.16
N THR A 327 10.22 -14.04 -13.64
CA THR A 327 10.51 -13.77 -15.05
C THR A 327 11.84 -14.40 -15.43
N ARG A 328 12.86 -14.14 -14.62
CA ARG A 328 14.20 -14.67 -14.90
C ARG A 328 14.25 -16.17 -14.76
N GLU A 329 13.46 -16.78 -13.87
CA GLU A 329 13.44 -18.23 -13.72
C GLU A 329 12.90 -18.87 -14.99
N VAL A 330 11.84 -18.33 -15.58
CA VAL A 330 11.28 -18.87 -16.82
C VAL A 330 12.26 -18.67 -17.96
N LEU A 331 12.91 -17.53 -18.05
CA LEU A 331 13.93 -17.32 -19.09
C LEU A 331 15.06 -18.35 -18.93
N SER A 332 15.50 -18.58 -17.70
CA SER A 332 16.58 -19.53 -17.47
C SER A 332 16.18 -20.94 -17.83
N GLU A 333 14.96 -21.39 -17.49
CA GLU A 333 14.57 -22.77 -17.73
C GLU A 333 14.04 -23.09 -19.11
N TYR A 334 13.57 -22.08 -19.84
CA TYR A 334 12.89 -22.30 -21.11
C TYR A 334 13.32 -21.39 -22.24
N GLY A 335 14.10 -20.34 -21.98
CA GLY A 335 14.41 -19.38 -23.03
C GLY A 335 13.19 -18.55 -23.40
N ASN A 336 13.33 -17.80 -24.48
CA ASN A 336 12.25 -16.93 -24.96
C ASN A 336 11.29 -17.75 -25.81
N MET A 337 10.13 -18.07 -25.26
CA MET A 337 9.05 -18.78 -25.92
C MET A 337 8.02 -17.84 -26.52
N SER A 338 8.43 -16.63 -26.89
CA SER A 338 7.55 -15.67 -27.55
C SER A 338 6.26 -15.47 -26.77
N SER A 339 5.11 -15.49 -27.42
CA SER A 339 3.86 -15.15 -26.72
C SER A 339 3.60 -15.93 -25.46
N ALA A 340 4.01 -17.18 -25.36
CA ALA A 340 3.78 -18.06 -24.23
C ALA A 340 4.54 -17.70 -22.96
N CYS A 341 5.66 -16.98 -23.03
N CYS A 341 5.62 -16.95 -23.08
CA CYS A 341 6.50 -16.73 -21.88
CA CYS A 341 6.50 -16.70 -21.96
C CYS A 341 5.80 -16.11 -20.68
C CYS A 341 5.84 -16.08 -20.74
N VAL A 342 5.06 -15.04 -20.93
CA VAL A 342 4.39 -14.31 -19.81
C VAL A 342 3.39 -15.20 -19.13
N LEU A 343 2.77 -16.16 -19.83
CA LEU A 343 1.84 -17.11 -19.23
C LEU A 343 2.57 -18.16 -18.41
N PHE A 344 3.75 -18.61 -18.85
CA PHE A 344 4.59 -19.44 -18.01
C PHE A 344 5.00 -18.70 -16.74
N ILE A 345 5.26 -17.39 -16.85
CA ILE A 345 5.69 -16.61 -15.69
C ILE A 345 4.55 -16.47 -14.71
N LEU A 346 3.33 -16.27 -15.21
CA LEU A 346 2.18 -16.26 -14.27
C LEU A 346 2.10 -17.58 -13.51
N ASP A 347 2.27 -18.71 -14.21
CA ASP A 347 2.21 -20.00 -13.54
C ASP A 347 3.32 -20.17 -12.53
N GLU A 348 4.56 -19.75 -12.88
CA GLU A 348 5.67 -19.82 -11.94
C GLU A 348 5.40 -18.99 -10.70
N MET A 349 4.94 -17.76 -10.91
CA MET A 349 4.67 -16.86 -9.80
C MET A 349 3.63 -17.43 -8.84
N ARG A 350 2.51 -17.91 -9.34
CA ARG A 350 1.47 -18.39 -8.43
C ARG A 350 1.90 -19.69 -7.76
N LYS A 351 2.64 -20.53 -8.45
CA LYS A 351 3.09 -21.79 -7.84
C LYS A 351 4.14 -21.51 -6.79
N LYS A 352 5.10 -20.62 -7.03
CA LYS A 352 6.09 -20.31 -6.02
C LYS A 352 5.44 -19.60 -4.84
N SER A 353 4.47 -18.73 -5.10
CA SER A 353 3.81 -18.01 -3.99
C SER A 353 3.09 -19.00 -3.08
N THR A 354 2.44 -19.98 -3.67
CA THR A 354 1.72 -21.02 -2.94
C THR A 354 2.69 -21.91 -2.18
N GLN A 355 3.62 -22.52 -2.91
CA GLN A 355 4.60 -23.40 -2.33
C GLN A 355 5.23 -22.77 -1.09
N ASN A 356 5.66 -21.52 -1.22
CA ASN A 356 6.33 -20.78 -0.17
C ASN A 356 5.45 -20.12 0.88
N GLY A 357 4.17 -20.41 0.92
CA GLY A 357 3.21 -19.95 1.88
C GLY A 357 2.93 -18.48 1.95
N LEU A 358 3.03 -17.78 0.81
CA LEU A 358 2.74 -16.35 0.83
C LEU A 358 1.23 -16.20 0.84
N LYS A 359 0.77 -14.99 1.10
CA LYS A 359 -0.65 -14.77 1.30
C LYS A 359 -1.46 -14.55 0.05
N THR A 360 -0.80 -14.24 -1.08
CA THR A 360 -1.54 -14.08 -2.33
C THR A 360 -0.73 -14.77 -3.43
N THR A 361 -1.42 -14.94 -4.56
CA THR A 361 -0.82 -15.56 -5.74
C THR A 361 0.17 -14.64 -6.42
N GLY A 362 0.18 -13.35 -6.08
CA GLY A 362 1.13 -12.39 -6.62
C GLY A 362 2.20 -12.02 -5.60
N GLU A 363 2.87 -13.05 -5.06
CA GLU A 363 3.98 -12.91 -4.16
C GLU A 363 3.62 -12.19 -2.87
N GLY A 364 2.37 -12.35 -2.41
CA GLY A 364 1.91 -11.71 -1.20
C GLY A 364 1.46 -10.28 -1.40
N LEU A 365 1.52 -9.77 -2.62
CA LEU A 365 1.12 -8.41 -2.94
C LEU A 365 -0.24 -8.40 -3.61
N GLU A 366 -0.93 -7.28 -3.58
CA GLU A 366 -2.27 -7.18 -4.12
C GLU A 366 -2.33 -6.94 -5.61
N TRP A 367 -1.61 -5.91 -6.07
CA TRP A 367 -1.69 -5.46 -7.46
C TRP A 367 -0.41 -5.81 -8.21
N GLY A 368 -0.63 -6.05 -9.50
CA GLY A 368 0.55 -6.49 -10.30
C GLY A 368 0.37 -5.99 -11.73
N VAL A 369 1.50 -6.16 -12.45
CA VAL A 369 1.56 -5.73 -13.84
C VAL A 369 2.26 -6.83 -14.67
N LEU A 370 1.70 -6.99 -15.86
CA LEU A 370 2.21 -7.90 -16.86
C LEU A 370 2.48 -7.07 -18.12
N PHE A 371 3.71 -7.24 -18.65
CA PHE A 371 4.09 -6.56 -19.86
C PHE A 371 4.53 -7.51 -20.98
N GLY A 372 4.10 -7.18 -22.18
CA GLY A 372 4.50 -7.92 -23.39
C GLY A 372 5.26 -6.90 -24.27
N PHE A 373 6.39 -7.29 -24.87
CA PHE A 373 7.14 -6.41 -25.75
C PHE A 373 7.39 -7.13 -27.08
N GLY A 374 7.29 -6.42 -28.20
CA GLY A 374 7.52 -7.06 -29.50
C GLY A 374 7.46 -6.03 -30.62
N PRO A 375 7.37 -6.56 -31.84
CA PRO A 375 7.37 -5.74 -33.04
C PRO A 375 6.45 -4.53 -33.01
N GLY A 376 6.98 -3.40 -33.43
CA GLY A 376 6.18 -2.19 -33.69
C GLY A 376 6.89 -0.99 -33.06
N LEU A 377 7.92 -0.88 -32.26
CA LEU A 377 7.92 -1.50 -30.96
C LEU A 377 6.61 -1.37 -30.17
N THR A 378 6.01 -2.52 -29.89
CA THR A 378 4.76 -2.54 -29.13
C THR A 378 4.98 -2.96 -27.68
N ILE A 379 4.25 -2.27 -26.81
CA ILE A 379 4.23 -2.59 -25.40
C ILE A 379 2.76 -2.89 -25.01
N GLU A 380 2.50 -4.11 -24.53
CA GLU A 380 1.20 -4.47 -23.98
C GLU A 380 1.29 -4.38 -22.45
N THR A 381 0.25 -3.80 -21.85
CA THR A 381 0.18 -3.69 -20.39
C THR A 381 -1.10 -4.36 -19.90
N VAL A 382 -0.99 -5.20 -18.88
CA VAL A 382 -2.18 -5.78 -18.25
C VAL A 382 -2.00 -5.58 -16.74
N VAL A 383 -2.98 -4.90 -16.12
CA VAL A 383 -3.00 -4.73 -14.67
C VAL A 383 -3.79 -5.91 -14.06
N LEU A 384 -3.14 -6.53 -13.09
CA LEU A 384 -3.71 -7.70 -12.44
C LEU A 384 -3.91 -7.47 -10.94
N ARG A 385 -4.87 -8.16 -10.37
CA ARG A 385 -5.02 -8.25 -8.93
C ARG A 385 -4.81 -9.72 -8.58
N SER A 386 -4.06 -9.99 -7.53
CA SER A 386 -3.84 -11.34 -7.05
C SER A 386 -5.08 -11.85 -6.27
N VAL A 387 -5.00 -13.11 -5.86
CA VAL A 387 -6.06 -13.70 -5.05
C VAL A 387 -5.42 -14.23 -3.77
N ALA A 388 -6.19 -14.17 -2.68
CA ALA A 388 -5.71 -14.65 -1.39
C ALA A 388 -5.48 -16.16 -1.43
N ILE A 389 -4.38 -16.54 -0.82
CA ILE A 389 -3.88 -17.90 -0.74
C ILE A 389 -3.47 -18.42 -2.10
N MET B 1 -9.09 -27.49 42.55
CA MET B 1 -10.53 -27.57 42.16
C MET B 1 -10.89 -26.57 41.06
N VAL B 2 -10.59 -25.30 41.30
CA VAL B 2 -10.89 -24.23 40.37
C VAL B 2 -9.81 -24.14 39.28
N SER B 3 -10.24 -24.03 38.03
CA SER B 3 -9.31 -23.88 36.92
C SER B 3 -9.10 -22.39 36.60
N VAL B 4 -7.87 -21.94 36.86
CA VAL B 4 -7.53 -20.56 36.53
C VAL B 4 -7.44 -20.40 35.03
N SER B 5 -6.95 -21.41 34.30
CA SER B 5 -6.90 -21.25 32.84
C SER B 5 -8.29 -21.09 32.26
N GLU B 6 -9.30 -21.79 32.78
CA GLU B 6 -10.68 -21.61 32.33
C GLU B 6 -11.16 -20.19 32.59
N ILE B 7 -10.86 -19.69 33.81
CA ILE B 7 -11.27 -18.36 34.18
C ILE B 7 -10.63 -17.33 33.23
N ARG B 8 -9.33 -17.49 33.01
CA ARG B 8 -8.60 -16.54 32.16
C ARG B 8 -9.15 -16.47 30.74
N LYS B 9 -9.41 -17.65 30.16
CA LYS B 9 -10.01 -17.73 28.83
C LYS B 9 -11.38 -17.09 28.75
N ALA B 10 -12.22 -17.29 29.77
CA ALA B 10 -13.54 -16.68 29.80
C ALA B 10 -13.49 -15.20 30.10
N GLN B 11 -12.42 -14.75 30.76
CA GLN B 11 -12.36 -13.36 31.18
C GLN B 11 -11.89 -12.36 30.13
N ARG B 12 -11.11 -12.80 29.16
CA ARG B 12 -10.52 -11.86 28.23
C ARG B 12 -11.30 -11.61 26.96
N ALA B 13 -10.98 -10.50 26.27
CA ALA B 13 -11.65 -10.15 25.03
C ALA B 13 -10.92 -10.82 23.87
N GLU B 14 -11.49 -10.68 22.67
CA GLU B 14 -10.85 -11.34 21.53
C GLU B 14 -10.18 -10.39 20.57
N GLY B 15 -10.86 -9.34 20.14
CA GLY B 15 -10.40 -8.49 19.07
C GLY B 15 -9.58 -7.29 19.54
N PRO B 16 -9.15 -6.50 18.58
CA PRO B 16 -8.41 -5.28 18.85
C PRO B 16 -9.25 -4.20 19.52
N ALA B 17 -8.59 -3.45 20.41
CA ALA B 17 -9.26 -2.33 21.07
C ALA B 17 -9.66 -1.33 20.00
N THR B 18 -10.91 -0.88 20.04
CA THR B 18 -11.50 -0.03 19.04
C THR B 18 -12.09 1.27 19.63
N ILE B 19 -11.81 2.38 19.00
CA ILE B 19 -12.44 3.65 19.41
C ILE B 19 -13.85 3.66 18.81
N LEU B 20 -14.86 3.74 19.68
CA LEU B 20 -16.26 3.62 19.29
C LEU B 20 -17.03 4.91 19.34
N ALA B 21 -16.45 5.96 19.91
CA ALA B 21 -17.09 7.26 20.05
C ALA B 21 -16.04 8.28 20.47
N ILE B 22 -16.17 9.51 20.01
CA ILE B 22 -15.31 10.61 20.39
C ILE B 22 -16.19 11.86 20.61
N GLY B 23 -15.99 12.57 21.71
CA GLY B 23 -16.72 13.80 22.00
C GLY B 23 -15.74 14.83 22.57
N THR B 24 -15.92 16.10 22.26
CA THR B 24 -14.99 17.12 22.75
C THR B 24 -15.75 18.30 23.35
N ALA B 25 -15.02 19.10 24.11
CA ALA B 25 -15.62 20.28 24.73
C ALA B 25 -14.55 21.30 25.08
N ASN B 26 -14.93 22.57 25.13
CA ASN B 26 -14.00 23.63 25.50
C ASN B 26 -14.77 24.68 26.30
N PRO B 27 -14.06 25.46 27.10
CA PRO B 27 -14.71 26.54 27.83
C PRO B 27 -15.32 27.49 26.81
N ALA B 28 -16.35 28.21 27.25
CA ALA B 28 -17.05 29.14 26.36
C ALA B 28 -16.28 30.37 25.97
N ASN B 29 -15.33 30.85 26.75
CA ASN B 29 -14.57 32.04 26.48
C ASN B 29 -13.57 31.85 25.35
N CYS B 30 -13.87 32.43 24.20
CA CYS B 30 -13.02 32.32 23.02
C CYS B 30 -12.03 33.47 22.98
N VAL B 31 -10.75 33.15 22.90
CA VAL B 31 -9.69 34.14 22.92
C VAL B 31 -8.97 34.20 21.59
N GLU B 32 -9.18 35.27 20.82
CA GLU B 32 -8.52 35.43 19.53
C GLU B 32 -7.02 35.62 19.69
N GLN B 33 -6.23 35.00 18.81
CA GLN B 33 -4.79 35.11 18.89
C GLN B 33 -4.26 36.43 18.37
N SER B 34 -4.93 36.97 17.34
CA SER B 34 -4.45 38.22 16.74
C SER B 34 -4.22 39.34 17.74
N THR B 35 -5.13 39.47 18.68
CA THR B 35 -5.10 40.51 19.71
C THR B 35 -4.72 39.99 21.09
N TYR B 36 -4.20 38.77 21.18
CA TYR B 36 -3.82 38.24 22.48
C TYR B 36 -2.68 38.98 23.14
N PRO B 37 -1.63 39.38 22.44
CA PRO B 37 -0.55 40.15 23.04
C PRO B 37 -1.07 41.36 23.80
N ASP B 38 -2.02 42.10 23.20
CA ASP B 38 -2.55 43.27 23.91
C ASP B 38 -3.32 42.84 25.15
N PHE B 39 -4.17 41.82 25.02
CA PHE B 39 -4.95 41.35 26.15
C PHE B 39 -4.04 40.89 27.29
N TYR B 40 -3.10 40.02 26.94
CA TYR B 40 -2.17 39.44 27.91
C TYR B 40 -1.23 40.44 28.55
N PHE B 41 -0.68 41.39 27.78
CA PHE B 41 0.20 42.41 28.38
C PHE B 41 -0.60 43.37 29.25
N LYS B 42 -1.87 43.62 28.94
CA LYS B 42 -2.67 44.49 29.81
C LYS B 42 -3.06 43.81 31.11
N ILE B 43 -3.57 42.58 31.04
CA ILE B 43 -4.00 41.88 32.26
C ILE B 43 -2.87 41.53 33.20
N THR B 44 -1.63 41.42 32.72
CA THR B 44 -0.48 41.10 33.53
C THR B 44 0.31 42.35 33.94
N ASN B 45 -0.27 43.54 33.68
CA ASN B 45 0.38 44.78 34.07
C ASN B 45 1.80 44.92 33.50
N SER B 46 1.95 44.52 32.26
CA SER B 46 3.25 44.52 31.62
C SER B 46 3.30 45.35 30.36
N GLU B 47 2.32 46.24 30.17
CA GLU B 47 2.24 47.04 28.96
C GLU B 47 3.45 47.94 28.72
N HIS B 48 4.16 48.31 29.77
CA HIS B 48 5.35 49.12 29.64
C HIS B 48 6.56 48.35 29.16
N LYS B 49 6.49 47.02 29.12
CA LYS B 49 7.56 46.16 28.63
C LYS B 49 7.44 46.04 27.12
N THR B 50 7.79 47.12 26.43
CA THR B 50 7.62 47.25 25.00
C THR B 50 8.34 46.19 24.17
N GLU B 51 9.63 45.98 24.40
CA GLU B 51 10.37 44.98 23.65
C GLU B 51 9.87 43.57 23.91
N LEU B 52 9.51 43.28 25.16
CA LEU B 52 9.01 41.95 25.51
C LEU B 52 7.69 41.65 24.83
N LYS B 53 6.84 42.66 24.70
CA LYS B 53 5.56 42.54 24.02
C LYS B 53 5.79 42.26 22.54
N GLU B 54 6.85 42.87 21.98
CA GLU B 54 7.22 42.62 20.60
C GLU B 54 7.58 41.15 20.43
N LYS B 55 8.38 40.63 21.34
CA LYS B 55 8.78 39.21 21.29
C LYS B 55 7.55 38.33 21.39
N PHE B 56 6.60 38.67 22.25
CA PHE B 56 5.37 37.89 22.39
C PHE B 56 4.54 38.00 21.13
N GLN B 57 4.43 39.21 20.55
CA GLN B 57 3.70 39.35 19.29
C GLN B 57 4.27 38.42 18.23
N ARG B 58 5.59 38.32 18.13
CA ARG B 58 6.21 37.41 17.16
C ARG B 58 5.88 35.96 17.50
N MET B 59 5.91 35.60 18.79
CA MET B 59 5.54 34.22 19.14
C MET B 59 4.11 33.91 18.73
N CYS B 60 3.18 34.82 18.98
CA CYS B 60 1.78 34.62 18.59
C CYS B 60 1.64 34.57 17.07
N ASP B 61 2.36 35.43 16.35
CA ASP B 61 2.33 35.43 14.90
C ASP B 61 2.85 34.13 14.29
N LYS B 62 3.88 33.53 14.86
CA LYS B 62 4.43 32.29 14.34
C LYS B 62 3.72 31.06 14.88
N SER B 63 2.88 31.19 15.90
CA SER B 63 2.22 30.06 16.54
C SER B 63 1.34 29.22 15.64
N MET B 64 0.72 29.77 14.60
CA MET B 64 -0.23 29.12 13.71
C MET B 64 -1.51 28.74 14.43
N ILE B 65 -1.83 29.51 15.47
CA ILE B 65 -3.04 29.37 16.26
C ILE B 65 -3.92 30.58 15.96
N LYS B 66 -5.18 30.34 15.61
CA LYS B 66 -6.08 31.49 15.37
C LYS B 66 -6.81 31.88 16.66
N ARG B 67 -7.15 30.88 17.46
CA ARG B 67 -7.90 31.14 18.70
C ARG B 67 -7.75 29.95 19.64
N ARG B 68 -8.02 30.24 20.91
CA ARG B 68 -7.98 29.28 22.00
C ARG B 68 -9.21 29.54 22.87
N TYR B 69 -9.59 28.53 23.63
CA TYR B 69 -10.73 28.63 24.56
C TYR B 69 -10.10 28.59 25.94
N MET B 70 -10.49 29.52 26.82
CA MET B 70 -9.90 29.57 28.14
C MET B 70 -10.93 29.80 29.24
N TYR B 71 -10.79 29.01 30.28
CA TYR B 71 -11.59 29.18 31.49
C TYR B 71 -11.26 30.55 32.09
N LEU B 72 -9.98 30.91 32.12
CA LEU B 72 -9.57 32.20 32.66
C LEU B 72 -10.15 33.32 31.79
N THR B 73 -10.70 34.31 32.48
CA THR B 73 -11.28 35.48 31.85
C THR B 73 -10.63 36.72 32.46
N GLU B 74 -10.88 37.88 31.88
CA GLU B 74 -10.39 39.13 32.44
C GLU B 74 -10.90 39.33 33.86
N GLU B 75 -12.16 39.01 34.17
CA GLU B 75 -12.67 39.18 35.52
C GLU B 75 -11.98 38.26 36.53
N ILE B 76 -11.81 36.98 36.17
CA ILE B 76 -11.16 36.04 37.08
C ILE B 76 -9.72 36.46 37.29
N LEU B 77 -9.01 36.90 36.24
CA LEU B 77 -7.64 37.36 36.42
C LEU B 77 -7.53 38.63 37.25
N LYS B 78 -8.50 39.55 37.14
CA LYS B 78 -8.43 40.76 37.97
C LYS B 78 -8.60 40.45 39.44
N GLU B 79 -9.27 39.35 39.77
CA GLU B 79 -9.46 38.93 41.15
C GLU B 79 -8.30 38.10 41.67
N ASN B 80 -7.35 37.78 40.79
CA ASN B 80 -6.21 36.96 41.15
C ASN B 80 -4.92 37.53 40.64
N PRO B 81 -4.47 38.67 41.16
CA PRO B 81 -3.22 39.28 40.77
C PRO B 81 -2.01 38.38 40.96
N ASN B 82 -2.04 37.44 41.93
CA ASN B 82 -0.88 36.56 42.09
C ASN B 82 -0.73 35.62 40.89
N VAL B 83 -1.82 35.29 40.21
CA VAL B 83 -1.72 34.46 38.99
C VAL B 83 -1.21 35.28 37.84
N CYS B 84 -1.42 36.60 37.84
CA CYS B 84 -0.98 37.48 36.78
C CYS B 84 0.50 37.83 36.85
N GLU B 85 1.13 37.64 38.01
CA GLU B 85 2.57 37.81 38.10
C GLU B 85 3.33 36.65 37.47
N TYR B 86 4.57 36.87 37.06
CA TYR B 86 5.40 35.75 36.60
C TYR B 86 5.60 34.73 37.71
N MET B 87 5.89 35.17 38.94
CA MET B 87 6.19 34.20 39.99
C MET B 87 5.73 34.64 41.37
N ALA B 88 4.49 34.36 41.70
CA ALA B 88 3.95 34.68 43.01
C ALA B 88 3.19 33.48 43.54
N PRO B 89 3.17 33.30 44.85
CA PRO B 89 2.42 32.22 45.49
C PRO B 89 0.98 32.28 45.03
N SER B 90 0.48 31.20 44.41
CA SER B 90 -0.83 31.18 43.80
C SER B 90 -1.39 29.78 43.55
N LEU B 91 -0.74 28.73 44.04
CA LEU B 91 -1.25 27.39 43.76
C LEU B 91 -2.62 27.16 44.34
N ASP B 92 -2.91 27.62 45.54
CA ASP B 92 -4.21 27.37 46.15
C ASP B 92 -5.32 27.96 45.29
N ALA B 93 -5.15 29.17 44.78
CA ALA B 93 -6.18 29.79 43.94
C ALA B 93 -6.30 29.02 42.64
N ARG B 94 -5.16 28.60 42.08
CA ARG B 94 -5.22 27.83 40.82
C ARG B 94 -5.87 26.47 41.02
N GLN B 95 -5.53 25.76 42.07
CA GLN B 95 -6.17 24.47 42.39
C GLN B 95 -7.66 24.63 42.58
N ASP B 96 -8.12 25.68 43.27
CA ASP B 96 -9.56 25.87 43.46
C ASP B 96 -10.29 25.99 42.14
N MET B 97 -9.66 26.58 41.13
CA MET B 97 -10.24 26.64 39.80
C MET B 97 -10.24 25.30 39.09
N VAL B 98 -9.07 24.65 39.00
CA VAL B 98 -8.96 23.44 38.20
C VAL B 98 -9.52 22.18 38.81
N VAL B 99 -9.64 22.06 40.13
N VAL B 99 -9.63 22.06 40.13
CA VAL B 99 -10.21 20.87 40.74
CA VAL B 99 -10.21 20.86 40.72
C VAL B 99 -11.67 20.75 40.36
C VAL B 99 -11.67 20.75 40.33
N VAL B 100 -12.32 21.88 40.08
CA VAL B 100 -13.68 21.93 39.61
C VAL B 100 -13.74 21.94 38.08
N GLU B 101 -12.98 22.79 37.40
CA GLU B 101 -13.12 22.94 35.95
C GLU B 101 -12.69 21.69 35.19
N VAL B 102 -11.69 20.96 35.67
CA VAL B 102 -11.25 19.76 34.94
C VAL B 102 -12.36 18.74 34.83
N PRO B 103 -13.03 18.33 35.90
CA PRO B 103 -14.16 17.43 35.78
C PRO B 103 -15.35 18.07 35.10
N ARG B 104 -15.59 19.39 35.22
CA ARG B 104 -16.73 20.00 34.56
C ARG B 104 -16.62 19.87 33.05
N LEU B 105 -15.44 20.23 32.53
CA LEU B 105 -15.19 20.21 31.10
C LEU B 105 -15.16 18.76 30.61
N GLY B 106 -14.57 17.88 31.41
CA GLY B 106 -14.51 16.46 31.08
C GLY B 106 -15.93 15.89 30.96
N LYS B 107 -16.81 16.29 31.88
CA LYS B 107 -18.20 15.84 31.86
C LYS B 107 -18.85 16.19 30.53
N GLU B 108 -18.68 17.41 30.04
N GLU B 108 -18.69 17.42 30.06
CA GLU B 108 -19.32 17.82 28.80
CA GLU B 108 -19.28 17.84 28.80
C GLU B 108 -18.82 17.01 27.60
C GLU B 108 -18.84 16.93 27.65
N ALA B 109 -17.52 16.68 27.61
CA ALA B 109 -16.99 15.86 26.52
C ALA B 109 -17.47 14.42 26.65
N ALA B 110 -17.52 13.89 27.87
CA ALA B 110 -17.95 12.53 28.10
C ALA B 110 -19.41 12.36 27.71
N VAL B 111 -20.26 13.32 28.05
CA VAL B 111 -21.69 13.20 27.71
C VAL B 111 -21.85 13.12 26.21
N LYS B 112 -21.10 13.92 25.46
CA LYS B 112 -21.13 13.89 24.01
C LYS B 112 -20.67 12.54 23.49
N ALA B 113 -19.56 12.01 24.03
CA ALA B 113 -19.12 10.69 23.56
C ALA B 113 -20.14 9.62 23.88
N ILE B 114 -20.72 9.61 25.08
CA ILE B 114 -21.73 8.61 25.45
C ILE B 114 -22.96 8.74 24.56
N LYS B 115 -23.38 9.95 24.21
CA LYS B 115 -24.53 10.12 23.31
C LYS B 115 -24.25 9.47 21.95
N GLU B 116 -23.07 9.71 21.39
CA GLU B 116 -22.69 9.11 20.12
C GLU B 116 -22.64 7.60 20.23
N TRP B 117 -21.99 7.09 21.29
CA TRP B 117 -21.90 5.64 21.47
C TRP B 117 -23.30 5.02 21.48
N GLY B 118 -24.23 5.64 22.21
CA GLY B 118 -25.61 5.19 22.18
C GLY B 118 -25.98 4.14 23.18
N GLN B 119 -25.04 3.58 23.93
CA GLN B 119 -25.30 2.48 24.85
C GLN B 119 -25.40 3.00 26.28
N PRO B 120 -26.01 2.25 27.19
CA PRO B 120 -26.20 2.69 28.56
C PRO B 120 -24.89 2.97 29.26
N LYS B 121 -24.83 4.04 30.04
CA LYS B 121 -23.60 4.35 30.78
C LYS B 121 -23.34 3.36 31.89
N SER B 122 -24.25 2.44 32.20
CA SER B 122 -24.04 1.31 33.07
C SER B 122 -23.13 0.23 32.47
N LYS B 123 -22.89 0.29 31.16
CA LYS B 123 -22.00 -0.64 30.49
C LYS B 123 -20.56 -0.16 30.48
N ILE B 124 -20.31 1.04 30.99
CA ILE B 124 -18.93 1.54 31.10
C ILE B 124 -18.30 0.85 32.28
N THR B 125 -17.25 0.06 32.06
CA THR B 125 -16.58 -0.74 33.06
C THR B 125 -15.30 -0.11 33.61
N HIS B 126 -14.68 0.74 32.78
CA HIS B 126 -13.39 1.31 33.16
C HIS B 126 -13.43 2.79 32.82
N LEU B 127 -12.73 3.60 33.61
CA LEU B 127 -12.64 5.03 33.37
C LEU B 127 -11.20 5.49 33.53
N ILE B 128 -10.68 6.10 32.48
CA ILE B 128 -9.35 6.70 32.52
C ILE B 128 -9.56 8.22 32.48
N VAL B 129 -9.01 8.94 33.46
CA VAL B 129 -9.07 10.40 33.45
C VAL B 129 -7.63 10.93 33.47
N CYS B 130 -7.33 11.84 32.55
CA CYS B 130 -5.97 12.37 32.46
C CYS B 130 -6.03 13.90 32.43
N THR B 131 -5.12 14.47 33.22
CA THR B 131 -4.97 15.92 33.24
C THR B 131 -3.55 16.25 33.69
N THR B 132 -3.11 17.43 33.29
CA THR B 132 -1.84 17.99 33.74
C THR B 132 -2.16 19.26 34.55
N SER B 133 -3.44 19.46 34.82
CA SER B 133 -3.95 20.66 35.46
C SER B 133 -4.54 20.39 36.83
N GLY B 134 -3.71 20.39 37.86
CA GLY B 134 -4.14 20.21 39.23
C GLY B 134 -4.26 18.78 39.70
N VAL B 135 -4.32 18.58 41.01
CA VAL B 135 -4.41 17.26 41.60
C VAL B 135 -5.30 17.34 42.83
N ASP B 136 -5.98 16.26 43.20
CA ASP B 136 -6.81 16.26 44.39
C ASP B 136 -7.14 14.81 44.74
N MET B 137 -7.58 14.61 45.98
CA MET B 137 -7.96 13.28 46.44
C MET B 137 -9.34 13.40 47.01
N PRO B 138 -10.22 12.46 46.85
CA PRO B 138 -10.55 11.80 45.60
C PRO B 138 -10.26 12.65 44.38
N GLY B 139 -9.80 11.99 43.31
CA GLY B 139 -9.45 12.71 42.09
C GLY B 139 -10.60 13.08 41.19
N ALA B 140 -10.24 13.58 40.00
CA ALA B 140 -11.18 13.94 38.97
C ALA B 140 -11.93 12.72 38.44
N ASP B 141 -11.31 11.53 38.54
CA ASP B 141 -11.98 10.29 38.19
C ASP B 141 -13.20 10.05 39.10
N TYR B 142 -13.04 10.23 40.40
CA TYR B 142 -14.16 10.14 41.34
C TYR B 142 -15.20 11.20 40.98
N GLN B 143 -14.77 12.44 40.76
CA GLN B 143 -15.70 13.50 40.41
C GLN B 143 -16.49 13.18 39.15
N LEU B 144 -15.85 12.63 38.11
CA LEU B 144 -16.57 12.29 36.88
C LEU B 144 -17.54 11.14 37.08
N THR B 145 -17.16 10.16 37.89
CA THR B 145 -18.06 9.04 38.21
C THR B 145 -19.33 9.62 38.80
N LYS B 146 -19.17 10.50 39.79
CA LYS B 146 -20.32 11.14 40.43
C LYS B 146 -21.12 12.01 39.48
N LEU B 147 -20.45 12.86 38.70
CA LEU B 147 -21.13 13.78 37.80
C LEU B 147 -21.89 13.10 36.68
N LEU B 148 -21.34 12.01 36.14
CA LEU B 148 -21.99 11.30 35.05
C LEU B 148 -22.95 10.21 35.50
N GLY B 149 -22.91 9.82 36.75
CA GLY B 149 -23.75 8.73 37.24
C GLY B 149 -23.26 7.38 36.70
N LEU B 150 -21.92 7.24 36.62
CA LEU B 150 -21.37 5.93 36.27
C LEU B 150 -21.58 4.98 37.44
N ARG B 151 -21.51 3.67 37.19
CA ARG B 151 -21.66 2.75 38.31
C ARG B 151 -20.57 3.02 39.34
N PRO B 152 -20.80 2.81 40.62
CA PRO B 152 -19.79 3.03 41.64
C PRO B 152 -18.60 2.09 41.50
N TYR B 153 -18.80 0.95 40.84
CA TYR B 153 -17.78 -0.07 40.60
C TYR B 153 -17.05 0.07 39.27
N VAL B 154 -17.16 1.24 38.65
CA VAL B 154 -16.33 1.50 37.47
C VAL B 154 -14.87 1.45 37.92
N LYS B 155 -14.00 0.80 37.15
CA LYS B 155 -12.58 0.65 37.49
C LYS B 155 -11.82 1.85 36.97
N ARG B 156 -11.25 2.63 37.91
CA ARG B 156 -10.68 3.92 37.60
C ARG B 156 -9.17 3.99 37.55
N TYR B 157 -8.68 4.83 36.64
CA TYR B 157 -7.25 5.05 36.37
C TYR B 157 -7.06 6.56 36.34
N MET B 158 -6.53 7.13 37.43
CA MET B 158 -6.38 8.58 37.52
C MET B 158 -4.97 9.00 37.15
N MET B 159 -4.82 9.58 35.99
CA MET B 159 -3.54 9.96 35.42
C MET B 159 -3.34 11.46 35.61
N TYR B 160 -2.56 11.73 36.67
CA TYR B 160 -2.29 13.13 37.03
C TYR B 160 -0.88 13.53 36.62
N GLN B 161 -0.72 14.83 36.39
CA GLN B 161 0.56 15.47 36.10
C GLN B 161 1.32 14.71 35.03
N GLN B 162 0.61 14.40 33.94
CA GLN B 162 1.16 13.56 32.90
C GLN B 162 2.01 14.29 31.88
N GLY B 163 1.50 15.39 31.36
CA GLY B 163 2.26 16.13 30.36
C GLY B 163 1.68 15.95 28.96
N CSD B 164 2.35 16.57 27.99
CA CSD B 164 1.82 16.70 26.65
CB CSD B 164 2.59 17.75 25.83
SG CSD B 164 2.03 19.42 26.19
C CSD B 164 1.79 15.42 25.84
O CSD B 164 1.10 15.42 24.81
OD1 CSD B 164 2.65 19.65 27.48
OD2 CSD B 164 2.59 20.23 25.07
N PHE B 165 2.47 14.37 26.22
CA PHE B 165 2.46 13.12 25.47
C PHE B 165 1.34 12.19 25.87
N ALA B 166 0.57 12.56 26.90
CA ALA B 166 -0.38 11.64 27.49
C ALA B 166 -1.66 11.35 26.72
N GLY B 167 -1.92 12.01 25.62
CA GLY B 167 -2.96 11.57 24.69
C GLY B 167 -2.61 10.17 24.18
N GLY B 168 -1.30 9.96 23.90
CA GLY B 168 -0.79 8.65 23.52
C GLY B 168 -0.92 7.69 24.71
N THR B 169 -0.48 8.09 25.90
CA THR B 169 -0.51 7.26 27.09
C THR B 169 -1.90 6.70 27.37
N VAL B 170 -2.93 7.56 27.30
CA VAL B 170 -4.27 7.04 27.64
C VAL B 170 -4.71 6.01 26.62
N LEU B 171 -4.33 6.15 25.36
CA LEU B 171 -4.67 5.15 24.33
C LEU B 171 -3.95 3.85 24.57
N ARG B 172 -2.65 3.95 24.92
CA ARG B 172 -1.84 2.79 25.26
C ARG B 172 -2.43 2.03 26.44
N LEU B 173 -2.90 2.76 27.46
CA LEU B 173 -3.56 2.13 28.60
C LEU B 173 -4.93 1.54 28.24
N ALA B 174 -5.76 2.33 27.56
CA ALA B 174 -7.10 1.85 27.20
C ALA B 174 -7.01 0.58 26.35
N LYS B 175 -6.02 0.48 25.47
CA LYS B 175 -5.87 -0.70 24.63
C LYS B 175 -5.75 -1.96 25.47
N ASP B 176 -4.92 -1.99 26.51
CA ASP B 176 -4.78 -3.19 27.32
C ASP B 176 -6.03 -3.46 28.15
N LEU B 177 -6.68 -2.41 28.65
CA LEU B 177 -7.88 -2.63 29.47
C LEU B 177 -8.99 -3.28 28.65
N ALA B 178 -9.20 -2.76 27.45
CA ALA B 178 -10.25 -3.26 26.58
C ALA B 178 -9.94 -4.65 26.08
N GLU B 179 -8.69 -4.89 25.69
CA GLU B 179 -8.38 -6.18 25.07
C GLU B 179 -8.30 -7.32 26.05
N ASN B 180 -7.99 -7.07 27.32
CA ASN B 180 -7.81 -8.13 28.28
C ASN B 180 -9.07 -8.50 29.04
N ASN B 181 -10.18 -7.79 28.80
CA ASN B 181 -11.38 -7.94 29.62
C ASN B 181 -12.61 -8.00 28.71
N LYS B 182 -13.21 -9.19 28.69
CA LYS B 182 -14.39 -9.40 27.86
C LYS B 182 -15.52 -8.46 28.25
N GLY B 183 -16.07 -7.77 27.27
CA GLY B 183 -17.17 -6.86 27.53
C GLY B 183 -16.73 -5.48 28.01
N ALA B 184 -15.44 -5.28 28.28
CA ALA B 184 -15.05 -3.99 28.86
C ALA B 184 -15.25 -2.85 27.89
N ARG B 185 -15.78 -1.74 28.42
CA ARG B 185 -15.99 -0.51 27.68
C ARG B 185 -15.35 0.61 28.54
N VAL B 186 -14.33 1.20 27.94
CA VAL B 186 -13.51 2.18 28.64
C VAL B 186 -13.86 3.59 28.22
N LEU B 187 -14.23 4.42 29.21
CA LEU B 187 -14.46 5.84 28.96
C LEU B 187 -13.12 6.53 29.28
N VAL B 188 -12.60 7.18 28.26
CA VAL B 188 -11.29 7.85 28.36
C VAL B 188 -11.50 9.34 28.31
N VAL B 189 -11.05 10.11 29.30
CA VAL B 189 -11.26 11.54 29.31
C VAL B 189 -9.95 12.31 29.57
N CYS B 190 -9.53 13.10 28.62
CA CYS B 190 -8.40 14.01 28.84
C CYS B 190 -9.00 15.40 28.98
N SER B 191 -8.67 16.11 30.06
CA SER B 191 -9.24 17.44 30.30
C SER B 191 -8.19 18.40 30.83
N GLU B 192 -7.89 19.44 30.06
CA GLU B 192 -6.74 20.29 30.33
C GLU B 192 -7.20 21.74 30.40
N VAL B 193 -6.74 22.39 31.49
CA VAL B 193 -7.12 23.76 31.77
C VAL B 193 -5.85 24.53 32.11
N THR B 194 -5.66 25.67 31.48
CA THR B 194 -4.43 26.44 31.64
C THR B 194 -4.36 27.33 32.87
N ALA B 195 -5.32 27.28 33.78
CA ALA B 195 -5.27 28.06 35.02
C ALA B 195 -4.08 27.70 35.88
N VAL B 196 -3.47 26.51 35.82
CA VAL B 196 -2.32 26.25 36.67
C VAL B 196 -1.01 26.72 36.03
N THR B 197 -1.03 27.03 34.74
CA THR B 197 0.21 27.41 34.08
C THR B 197 0.22 28.87 33.63
N PHE B 198 -0.91 29.54 33.59
CA PHE B 198 -0.93 30.94 33.19
C PHE B 198 -0.07 31.74 34.16
N ARG B 199 0.76 32.62 33.64
CA ARG B 199 1.51 33.52 34.51
C ARG B 199 1.94 34.70 33.64
N GLY B 200 2.41 35.75 34.31
CA GLY B 200 2.86 36.94 33.60
C GLY B 200 4.20 36.73 32.94
N PRO B 201 4.62 37.70 32.12
CA PRO B 201 5.82 37.61 31.33
C PRO B 201 7.07 38.12 32.00
N SER B 202 8.20 37.49 31.68
CA SER B 202 9.48 37.87 32.20
C SER B 202 10.49 37.83 31.06
N ASP B 203 11.25 38.92 30.90
CA ASP B 203 12.21 38.97 29.81
C ASP B 203 13.45 38.12 29.99
N THR B 204 13.65 37.48 31.12
CA THR B 204 14.73 36.52 31.34
C THR B 204 14.19 35.10 31.30
N HIS B 205 12.89 34.92 31.00
CA HIS B 205 12.28 33.59 30.99
C HIS B 205 11.42 33.41 29.74
N LEU B 206 12.06 33.49 28.57
CA LEU B 206 11.36 33.45 27.30
C LEU B 206 10.79 32.06 26.98
N ASP B 207 11.38 31.04 27.60
CA ASP B 207 10.84 29.69 27.47
C ASP B 207 9.48 29.60 28.14
N SER B 208 9.30 30.22 29.31
CA SER B 208 7.98 30.25 29.94
C SER B 208 7.01 31.01 29.05
N LEU B 209 7.46 32.15 28.50
CA LEU B 209 6.59 33.00 27.68
C LEU B 209 6.02 32.27 26.47
N VAL B 210 6.79 31.43 25.80
CA VAL B 210 6.34 30.66 24.64
C VAL B 210 5.05 29.89 24.96
N GLY B 211 5.00 29.27 26.14
CA GLY B 211 3.81 28.58 26.60
C GLY B 211 2.56 29.44 26.63
N GLN B 212 2.67 30.73 27.00
CA GLN B 212 1.54 31.63 27.03
C GLN B 212 0.95 31.93 25.65
N ALA B 213 1.75 31.74 24.59
CA ALA B 213 1.27 31.86 23.23
C ALA B 213 0.62 30.57 22.72
N LEU B 214 0.94 29.44 23.35
CA LEU B 214 0.47 28.17 22.78
C LEU B 214 -0.62 27.42 23.50
N PHE B 215 -0.61 27.41 24.82
N PHE B 215 -0.58 27.36 24.82
CA PHE B 215 -1.51 26.56 25.59
CA PHE B 215 -1.49 26.47 25.55
C PHE B 215 -2.94 27.06 25.66
C PHE B 215 -2.91 27.00 25.70
N GLY B 216 -3.88 26.14 25.39
CA GLY B 216 -5.30 26.40 25.44
C GLY B 216 -6.04 25.28 26.17
N ASP B 217 -7.32 25.50 26.44
CA ASP B 217 -8.11 24.55 27.24
C ASP B 217 -9.02 23.66 26.38
N GLY B 218 -9.23 22.44 26.87
CA GLY B 218 -10.14 21.55 26.11
C GLY B 218 -10.20 20.20 26.80
N ALA B 219 -11.29 19.47 26.52
CA ALA B 219 -11.43 18.12 26.99
C ALA B 219 -11.93 17.24 25.82
N ALA B 220 -11.42 16.03 25.79
CA ALA B 220 -11.84 15.06 24.78
C ALA B 220 -12.13 13.75 25.47
N ALA B 221 -13.18 13.05 25.01
CA ALA B 221 -13.55 11.79 25.61
C ALA B 221 -13.75 10.73 24.52
N LEU B 222 -13.36 9.52 24.87
CA LEU B 222 -13.51 8.39 23.96
C LEU B 222 -14.24 7.26 24.66
N ILE B 223 -14.89 6.41 23.85
CA ILE B 223 -15.30 5.10 24.33
C ILE B 223 -14.42 4.09 23.57
N VAL B 224 -13.72 3.24 24.31
CA VAL B 224 -12.85 2.22 23.72
C VAL B 224 -13.29 0.84 24.14
N GLY B 225 -13.39 -0.10 23.19
CA GLY B 225 -13.76 -1.46 23.54
C GLY B 225 -13.32 -2.47 22.45
N SER B 226 -13.16 -3.69 22.92
CA SER B 226 -12.87 -4.73 21.93
C SER B 226 -14.21 -5.41 21.65
N ASP B 227 -14.24 -6.15 20.53
CA ASP B 227 -15.44 -6.92 20.14
C ASP B 227 -16.69 -6.06 20.07
N PRO B 228 -16.69 -5.09 19.15
CA PRO B 228 -17.84 -4.22 18.98
C PRO B 228 -19.07 -4.99 18.50
N VAL B 229 -20.25 -4.63 19.01
CA VAL B 229 -21.45 -5.32 18.48
C VAL B 229 -21.74 -4.75 17.11
N PRO B 230 -21.65 -5.57 16.06
CA PRO B 230 -21.88 -5.15 14.70
C PRO B 230 -23.19 -4.43 14.50
N GLU B 231 -23.16 -3.31 13.79
CA GLU B 231 -24.31 -2.49 13.46
C GLU B 231 -25.07 -1.88 14.64
N ILE B 232 -24.59 -1.99 15.86
CA ILE B 232 -25.17 -1.43 17.06
C ILE B 232 -24.11 -0.42 17.55
N GLU B 233 -22.89 -0.94 17.67
CA GLU B 233 -21.75 -0.05 17.95
C GLU B 233 -21.08 0.27 16.61
N LYS B 234 -20.35 1.35 16.54
CA LYS B 234 -19.75 1.82 15.30
C LYS B 234 -18.27 2.13 15.46
N PRO B 235 -17.42 1.20 15.07
CA PRO B 235 -15.98 1.42 15.07
C PRO B 235 -15.53 2.62 14.27
N ILE B 236 -14.57 3.36 14.82
CA ILE B 236 -14.00 4.52 14.17
C ILE B 236 -12.53 4.25 13.81
N PHE B 237 -11.75 3.81 14.81
CA PHE B 237 -10.35 3.45 14.59
C PHE B 237 -10.04 2.23 15.44
N GLU B 238 -9.11 1.40 14.99
CA GLU B 238 -8.64 0.28 15.80
C GLU B 238 -7.20 0.56 16.24
N MET B 239 -6.86 0.21 17.47
CA MET B 239 -5.45 0.27 17.88
C MET B 239 -4.80 -1.08 17.67
N VAL B 240 -3.57 -1.09 17.18
CA VAL B 240 -2.89 -2.34 16.87
C VAL B 240 -1.58 -2.55 17.61
N TRP B 241 -0.86 -1.47 17.90
CA TRP B 241 0.45 -1.61 18.56
C TRP B 241 0.83 -0.25 19.16
N THR B 242 1.53 -0.29 20.30
CA THR B 242 1.94 0.96 20.93
C THR B 242 3.39 0.89 21.41
N ALA B 243 3.95 2.06 21.65
CA ALA B 243 5.27 2.16 22.25
C ALA B 243 5.43 3.50 22.97
N GLN B 244 6.39 3.55 23.89
CA GLN B 244 6.76 4.79 24.56
C GLN B 244 8.30 4.74 24.66
N THR B 245 8.95 5.87 24.34
CA THR B 245 10.40 5.88 24.48
C THR B 245 10.86 7.27 24.90
N ILE B 246 12.10 7.28 25.38
CA ILE B 246 12.79 8.49 25.81
C ILE B 246 13.89 8.75 24.78
N ALA B 247 13.83 9.93 24.17
CA ALA B 247 14.85 10.23 23.15
C ALA B 247 16.22 10.45 23.77
N PRO B 248 17.27 9.99 23.09
CA PRO B 248 18.63 10.21 23.56
C PRO B 248 18.96 11.69 23.47
N ASP B 249 19.87 12.11 24.35
CA ASP B 249 20.37 13.49 24.35
C ASP B 249 19.25 14.51 24.51
N SER B 250 18.27 14.19 25.35
CA SER B 250 17.14 15.10 25.53
C SER B 250 16.91 15.44 26.99
N GLU B 251 17.85 15.07 27.86
CA GLU B 251 17.63 15.30 29.29
C GLU B 251 17.37 16.77 29.60
N GLY B 252 16.28 17.08 30.27
CA GLY B 252 15.91 18.43 30.65
C GLY B 252 15.27 19.24 29.55
N ALA B 253 14.95 18.62 28.40
CA ALA B 253 14.35 19.38 27.32
C ALA B 253 13.10 20.12 27.75
N ILE B 254 12.22 19.42 28.47
CA ILE B 254 10.98 19.99 28.98
C ILE B 254 10.83 19.59 30.45
N ASP B 255 11.15 20.49 31.37
CA ASP B 255 10.97 20.20 32.79
C ASP B 255 9.83 21.08 33.28
N VAL B 256 8.86 20.51 33.97
CA VAL B 256 7.68 21.26 34.41
C VAL B 256 7.43 20.94 35.87
N HIS B 257 7.57 21.90 36.77
CA HIS B 257 7.42 21.63 38.18
C HIS B 257 6.15 22.24 38.78
N LEU B 258 5.52 21.54 39.71
CA LEU B 258 4.33 22.06 40.39
C LEU B 258 4.83 22.62 41.72
N ARG B 259 4.76 23.95 41.82
CA ARG B 259 5.28 24.65 43.00
C ARG B 259 4.18 25.53 43.58
N GLU B 260 4.55 26.28 44.62
CA GLU B 260 3.66 27.21 45.27
C GLU B 260 3.18 28.31 44.33
N ALA B 261 3.95 28.58 43.26
CA ALA B 261 3.53 29.54 42.26
C ALA B 261 2.83 28.92 41.04
N GLY B 262 2.41 27.66 41.21
CA GLY B 262 1.70 26.99 40.10
C GLY B 262 2.69 26.13 39.31
N LEU B 263 2.22 25.81 38.10
CA LEU B 263 3.01 24.96 37.21
C LEU B 263 3.92 25.81 36.35
N THR B 264 5.22 25.60 36.39
CA THR B 264 6.15 26.38 35.60
C THR B 264 6.78 25.54 34.50
N PHE B 265 6.67 26.07 33.29
CA PHE B 265 7.15 25.44 32.08
C PHE B 265 8.54 25.95 31.70
N HIS B 266 9.50 25.04 31.57
CA HIS B 266 10.85 25.39 31.16
C HIS B 266 11.20 24.62 29.88
N LEU B 267 12.19 25.13 29.16
CA LEU B 267 12.67 24.51 27.93
C LEU B 267 14.20 24.63 27.92
N LEU B 268 14.92 23.51 27.78
CA LEU B 268 16.37 23.62 27.81
C LEU B 268 17.03 23.18 26.52
N LYS B 269 16.31 22.49 25.63
CA LYS B 269 16.95 22.02 24.39
C LYS B 269 16.00 22.25 23.21
N ASP B 270 16.47 21.93 22.01
CA ASP B 270 15.69 22.10 20.79
C ASP B 270 14.70 20.94 20.59
N VAL B 271 13.47 21.13 21.04
CA VAL B 271 12.45 20.07 20.94
C VAL B 271 12.12 19.67 19.53
N PRO B 272 11.87 20.61 18.61
CA PRO B 272 11.60 20.28 17.23
C PRO B 272 12.73 19.45 16.63
N GLY B 273 13.98 19.79 16.94
CA GLY B 273 15.15 19.08 16.49
C GLY B 273 15.23 17.66 17.07
N ILE B 274 14.98 17.52 18.37
CA ILE B 274 15.02 16.18 18.97
C ILE B 274 13.91 15.32 18.39
N VAL B 275 12.70 15.87 18.28
CA VAL B 275 11.61 15.07 17.72
C VAL B 275 11.92 14.65 16.30
N SER B 276 12.33 15.60 15.44
CA SER B 276 12.60 15.24 14.05
C SER B 276 13.76 14.28 13.89
N LYS B 277 14.78 14.31 14.76
CA LYS B 277 15.89 13.39 14.69
C LYS B 277 15.49 11.97 15.11
N ASN B 278 14.47 11.84 15.97
CA ASN B 278 14.12 10.54 16.53
C ASN B 278 12.83 9.93 15.97
N ILE B 279 12.14 10.68 15.14
CA ILE B 279 10.85 10.18 14.61
C ILE B 279 11.02 9.00 13.68
N THR B 280 12.10 8.97 12.87
CA THR B 280 12.29 7.86 11.96
C THR B 280 12.42 6.53 12.68
N LYS B 281 13.20 6.53 13.78
CA LYS B 281 13.38 5.32 14.55
C LYS B 281 12.03 4.84 15.07
N ALA B 282 11.23 5.80 15.54
CA ALA B 282 9.90 5.41 16.05
C ALA B 282 9.01 4.82 14.96
N LEU B 283 9.02 5.42 13.77
CA LEU B 283 8.30 4.89 12.63
C LEU B 283 8.77 3.53 12.19
N VAL B 284 10.08 3.32 12.18
N VAL B 284 10.08 3.28 12.13
CA VAL B 284 10.68 2.05 11.83
CA VAL B 284 10.57 1.97 11.70
C VAL B 284 10.24 0.94 12.78
C VAL B 284 10.16 0.87 12.67
N GLU B 285 10.24 1.23 14.08
N GLU B 285 10.20 1.16 13.98
CA GLU B 285 9.79 0.22 15.03
CA GLU B 285 9.79 0.14 14.94
C GLU B 285 8.34 -0.18 14.78
C GLU B 285 8.32 -0.23 14.71
N ALA B 286 7.49 0.81 14.59
CA ALA B 286 6.05 0.59 14.41
C ALA B 286 5.69 -0.03 13.08
N PHE B 287 6.30 0.42 11.99
CA PHE B 287 5.87 0.02 10.65
C PHE B 287 6.71 -1.00 9.91
N GLU B 288 7.98 -1.22 10.29
CA GLU B 288 8.76 -2.25 9.59
C GLU B 288 8.10 -3.62 9.73
N PRO B 289 7.56 -4.00 10.88
CA PRO B 289 6.85 -5.25 11.03
C PRO B 289 5.63 -5.39 10.14
N LEU B 290 5.02 -4.30 9.70
CA LEU B 290 3.87 -4.31 8.84
C LEU B 290 4.21 -4.23 7.36
N GLY B 291 5.51 -4.07 7.08
CA GLY B 291 5.99 -3.95 5.72
C GLY B 291 5.76 -2.60 5.09
N ILE B 292 5.55 -1.57 5.91
CA ILE B 292 5.31 -0.23 5.40
C ILE B 292 6.50 0.68 5.64
N SER B 293 7.01 1.29 4.57
CA SER B 293 8.11 2.22 4.69
C SER B 293 7.80 3.56 4.04
N ASP B 294 6.70 3.67 3.30
CA ASP B 294 6.31 4.95 2.72
C ASP B 294 5.43 5.69 3.74
N TYR B 295 6.01 6.70 4.39
CA TYR B 295 5.27 7.41 5.46
C TYR B 295 4.23 8.36 4.93
N ASN B 296 4.07 8.55 3.62
CA ASN B 296 3.00 9.33 3.04
C ASN B 296 1.79 8.41 2.76
N SER B 297 2.01 7.10 2.93
CA SER B 297 0.96 6.14 2.64
C SER B 297 0.11 5.82 3.85
N ILE B 298 0.41 6.42 5.00
CA ILE B 298 -0.35 6.22 6.24
C ILE B 298 -0.96 7.56 6.64
N PHE B 299 -2.00 7.54 7.47
CA PHE B 299 -2.60 8.78 7.98
C PHE B 299 -1.87 9.18 9.27
N TRP B 300 -1.83 10.50 9.50
CA TRP B 300 -1.04 11.05 10.57
C TRP B 300 -1.76 11.90 11.62
N ILE B 301 -1.39 11.67 12.88
CA ILE B 301 -1.88 12.47 14.00
C ILE B 301 -0.63 12.79 14.85
N ALA B 302 -0.27 14.07 14.94
CA ALA B 302 0.93 14.40 15.73
C ALA B 302 0.60 15.46 16.77
N HIS B 303 1.09 15.25 17.98
CA HIS B 303 0.82 16.27 19.00
C HIS B 303 1.46 17.57 18.51
N PRO B 304 0.68 18.64 18.40
CA PRO B 304 1.21 19.90 17.87
C PRO B 304 1.75 20.77 19.00
N GLY B 305 2.86 20.33 19.58
CA GLY B 305 3.50 21.01 20.71
C GLY B 305 3.68 22.48 20.36
N GLY B 306 4.15 22.70 19.14
CA GLY B 306 4.31 23.99 18.50
C GLY B 306 4.38 23.68 17.00
N PRO B 307 4.21 24.67 16.16
CA PRO B 307 4.28 24.50 14.72
C PRO B 307 5.63 24.04 14.23
N ALA B 308 6.74 24.40 14.88
CA ALA B 308 8.06 23.95 14.45
C ALA B 308 8.27 22.45 14.55
N ILE B 309 7.66 21.77 15.53
CA ILE B 309 7.77 20.31 15.56
C ILE B 309 7.17 19.76 14.27
N LEU B 310 5.97 20.25 13.92
CA LEU B 310 5.31 19.76 12.71
C LEU B 310 6.10 20.04 11.44
N ASP B 311 6.60 21.28 11.32
CA ASP B 311 7.36 21.65 10.14
C ASP B 311 8.64 20.84 10.01
N GLN B 312 9.33 20.63 11.13
CA GLN B 312 10.59 19.88 11.06
C GLN B 312 10.36 18.41 10.82
N VAL B 313 9.26 17.83 11.34
CA VAL B 313 8.99 16.41 11.06
C VAL B 313 8.66 16.28 9.57
N GLU B 314 7.82 17.17 9.07
CA GLU B 314 7.41 17.17 7.67
C GLU B 314 8.64 17.24 6.75
N GLN B 315 9.54 18.17 7.04
N GLN B 315 9.55 18.17 7.03
CA GLN B 315 10.75 18.34 6.24
CA GLN B 315 10.75 18.33 6.23
C GLN B 315 11.67 17.13 6.35
C GLN B 315 11.68 17.13 6.35
N LYS B 316 11.86 16.60 7.55
CA LYS B 316 12.71 15.44 7.77
C LYS B 316 12.25 14.24 6.94
N LEU B 317 10.96 13.93 6.96
CA LEU B 317 10.46 12.75 6.27
C LEU B 317 10.01 12.98 4.83
N ALA B 318 9.95 14.24 4.41
CA ALA B 318 9.40 14.60 3.12
C ALA B 318 7.91 14.22 3.06
N LEU B 319 7.20 14.53 4.16
CA LEU B 319 5.75 14.33 4.13
C LEU B 319 5.15 15.35 3.15
N LYS B 320 4.12 14.94 2.42
CA LYS B 320 3.38 15.94 1.63
C LYS B 320 2.73 16.89 2.60
N PRO B 321 2.55 18.16 2.26
CA PRO B 321 1.94 19.14 3.13
C PRO B 321 0.61 18.71 3.70
N GLU B 322 -0.21 18.01 2.93
CA GLU B 322 -1.53 17.59 3.40
C GLU B 322 -1.49 16.59 4.52
N LYS B 323 -0.42 15.85 4.78
CA LYS B 323 -0.41 14.85 5.84
C LYS B 323 -0.77 15.46 7.18
N MET B 324 -0.27 16.64 7.51
N MET B 324 -0.24 16.63 7.51
CA MET B 324 -0.59 17.22 8.82
CA MET B 324 -0.51 17.28 8.79
C MET B 324 -1.75 18.21 8.79
C MET B 324 -1.76 18.16 8.79
N ASN B 325 -2.62 18.11 7.79
CA ASN B 325 -3.78 19.01 7.73
C ASN B 325 -4.66 18.89 8.97
N ALA B 326 -5.06 17.69 9.38
CA ALA B 326 -5.96 17.58 10.53
C ALA B 326 -5.29 18.11 11.80
N THR B 327 -4.02 17.79 11.99
CA THR B 327 -3.23 18.25 13.12
C THR B 327 -3.16 19.77 13.16
N ARG B 328 -2.83 20.38 12.03
CA ARG B 328 -2.73 21.84 11.98
C ARG B 328 -4.09 22.50 12.10
N GLU B 329 -5.18 21.88 11.68
CA GLU B 329 -6.51 22.48 11.82
C GLU B 329 -6.83 22.56 13.31
N VAL B 330 -6.54 21.50 14.07
CA VAL B 330 -6.80 21.54 15.52
C VAL B 330 -5.93 22.60 16.17
N LEU B 331 -4.65 22.66 15.84
CA LEU B 331 -3.78 23.70 16.41
C LEU B 331 -4.36 25.08 16.10
N SER B 332 -4.81 25.28 14.87
CA SER B 332 -5.37 26.57 14.47
C SER B 332 -6.61 26.98 15.25
N GLU B 333 -7.50 26.01 15.46
CA GLU B 333 -8.76 26.34 16.09
C GLU B 333 -8.76 26.31 17.59
N TYR B 334 -7.81 25.60 18.23
CA TYR B 334 -7.85 25.40 19.67
C TYR B 334 -6.53 25.64 20.38
N GLY B 335 -5.42 25.74 19.66
CA GLY B 335 -4.11 25.81 20.27
C GLY B 335 -3.69 24.43 20.81
N ASN B 336 -2.65 24.47 21.64
CA ASN B 336 -2.07 23.27 22.25
C ASN B 336 -2.81 22.95 23.53
N MET B 337 -3.71 21.96 23.48
CA MET B 337 -4.49 21.53 24.64
C MET B 337 -3.88 20.31 25.34
N SER B 338 -2.55 20.26 25.33
CA SER B 338 -1.79 19.21 26.02
C SER B 338 -2.33 17.83 25.69
N SER B 339 -2.63 16.98 26.66
CA SER B 339 -2.99 15.59 26.33
C SER B 339 -4.20 15.46 25.43
N ALA B 340 -5.17 16.38 25.52
CA ALA B 340 -6.37 16.30 24.71
C ALA B 340 -6.18 16.52 23.23
N CYS B 341 -5.13 17.23 22.77
N CYS B 341 -5.10 17.18 22.84
CA CYS B 341 -5.00 17.58 21.38
CA CYS B 341 -4.92 17.57 21.45
C CYS B 341 -5.11 16.43 20.37
C CYS B 341 -5.02 16.50 20.39
N VAL B 342 -4.33 15.40 20.62
CA VAL B 342 -4.33 14.25 19.66
C VAL B 342 -5.71 13.67 19.53
N LEU B 343 -6.54 13.66 20.58
CA LEU B 343 -7.90 13.15 20.51
C LEU B 343 -8.79 14.10 19.73
N PHE B 344 -8.61 15.41 19.87
CA PHE B 344 -9.30 16.33 19.00
C PHE B 344 -8.91 16.08 17.55
N ILE B 345 -7.66 15.78 17.26
CA ILE B 345 -7.20 15.51 15.91
C ILE B 345 -7.80 14.22 15.35
N LEU B 346 -7.96 13.19 16.16
CA LEU B 346 -8.65 11.99 15.68
C LEU B 346 -10.07 12.35 15.28
N ASP B 347 -10.73 13.17 16.11
CA ASP B 347 -12.10 13.58 15.83
C ASP B 347 -12.21 14.34 14.53
N GLU B 348 -11.37 15.33 14.30
CA GLU B 348 -11.32 16.12 13.09
C GLU B 348 -11.10 15.23 11.87
N MET B 349 -10.12 14.31 11.99
CA MET B 349 -9.84 13.42 10.86
C MET B 349 -11.02 12.54 10.47
N ARG B 350 -11.66 11.87 11.42
CA ARG B 350 -12.78 10.98 11.09
C ARG B 350 -14.00 11.79 10.65
N LYS B 351 -14.21 12.95 11.25
CA LYS B 351 -15.36 13.78 10.84
C LYS B 351 -15.15 14.27 9.42
N LYS B 352 -13.98 14.79 9.05
CA LYS B 352 -13.76 15.26 7.69
C LYS B 352 -13.81 14.08 6.72
N SER B 353 -13.23 12.94 7.12
CA SER B 353 -13.25 11.79 6.19
C SER B 353 -14.65 11.32 5.90
N THR B 354 -15.51 11.27 6.91
CA THR B 354 -16.90 10.82 6.80
C THR B 354 -17.76 11.85 6.08
N GLN B 355 -17.58 13.12 6.43
CA GLN B 355 -18.31 14.21 5.78
C GLN B 355 -18.07 14.24 4.29
N ASN B 356 -16.81 14.07 3.89
CA ASN B 356 -16.37 14.16 2.52
C ASN B 356 -16.43 12.84 1.77
N GLY B 357 -17.07 11.82 2.32
CA GLY B 357 -17.26 10.55 1.66
C GLY B 357 -15.99 9.83 1.23
N LEU B 358 -14.97 9.86 2.08
CA LEU B 358 -13.72 9.17 1.74
C LEU B 358 -13.98 7.70 2.06
N LYS B 359 -13.09 6.80 1.64
CA LYS B 359 -13.36 5.38 1.82
C LYS B 359 -13.13 4.87 3.22
N THR B 360 -12.34 5.59 4.04
CA THR B 360 -12.04 5.17 5.40
C THR B 360 -12.02 6.41 6.30
N THR B 361 -12.08 6.18 7.60
CA THR B 361 -12.00 7.24 8.59
C THR B 361 -10.62 7.86 8.73
N GLY B 362 -9.62 7.20 8.18
CA GLY B 362 -8.24 7.70 8.18
C GLY B 362 -7.87 8.29 6.83
N GLU B 363 -8.66 9.23 6.32
CA GLU B 363 -8.38 9.97 5.10
C GLU B 363 -8.31 9.08 3.87
N GLY B 364 -9.08 7.98 3.89
CA GLY B 364 -9.08 7.03 2.80
C GLY B 364 -7.93 6.04 2.81
N LEU B 365 -7.05 6.12 3.81
CA LEU B 365 -5.92 5.20 3.95
C LEU B 365 -6.22 4.16 5.00
N GLU B 366 -5.47 3.06 4.99
CA GLU B 366 -5.69 1.92 5.85
C GLU B 366 -5.00 2.05 7.20
N TRP B 367 -3.71 2.31 7.22
CA TRP B 367 -2.89 2.38 8.42
C TRP B 367 -2.50 3.81 8.77
N GLY B 368 -2.35 4.05 10.08
CA GLY B 368 -2.04 5.42 10.53
C GLY B 368 -1.20 5.36 11.80
N VAL B 369 -0.71 6.57 12.15
CA VAL B 369 0.13 6.69 13.35
C VAL B 369 -0.31 7.92 14.13
N LEU B 370 -0.26 7.78 15.44
CA LEU B 370 -0.56 8.86 16.38
C LEU B 370 0.67 8.96 17.29
N PHE B 371 1.18 10.19 17.39
CA PHE B 371 2.29 10.49 18.25
C PHE B 371 2.00 11.54 19.33
N GLY B 372 2.51 11.27 20.52
CA GLY B 372 2.42 12.21 21.64
C GLY B 372 3.88 12.61 21.94
N PHE B 373 4.14 13.88 22.26
CA PHE B 373 5.51 14.31 22.57
C PHE B 373 5.46 15.12 23.87
N GLY B 374 6.40 14.92 24.80
CA GLY B 374 6.32 15.69 26.03
C GLY B 374 7.57 15.48 26.88
N PRO B 375 7.48 15.81 28.15
CA PRO B 375 8.61 15.71 29.07
C PRO B 375 9.34 14.38 29.05
N GLY B 376 10.67 14.40 29.05
CA GLY B 376 11.49 13.23 29.26
C GLY B 376 12.60 13.16 28.21
N LEU B 377 12.80 13.85 27.10
CA LEU B 377 11.84 13.86 26.03
C LEU B 377 11.16 12.52 25.73
N THR B 378 9.85 12.43 25.92
CA THR B 378 9.10 11.21 25.66
C THR B 378 8.33 11.27 24.34
N ILE B 379 8.38 10.16 23.61
CA ILE B 379 7.59 10.00 22.39
C ILE B 379 6.68 8.78 22.60
N GLU B 380 5.37 9.01 22.46
CA GLU B 380 4.37 7.94 22.51
C GLU B 380 4.00 7.65 21.06
N THR B 381 3.95 6.36 20.70
CA THR B 381 3.53 5.95 19.37
C THR B 381 2.33 5.00 19.51
N VAL B 382 1.26 5.27 18.75
CA VAL B 382 0.14 4.34 18.62
C VAL B 382 -0.12 4.09 17.13
N VAL B 383 -0.09 2.81 16.74
CA VAL B 383 -0.40 2.39 15.39
C VAL B 383 -1.91 2.11 15.33
N LEU B 384 -2.53 2.77 14.36
CA LEU B 384 -3.97 2.66 14.18
C LEU B 384 -4.31 2.05 12.83
N ARG B 385 -5.49 1.43 12.78
CA ARG B 385 -6.07 1.02 11.51
C ARG B 385 -7.39 1.78 11.36
N SER B 386 -7.69 2.33 10.21
CA SER B 386 -8.95 3.03 9.97
C SER B 386 -10.06 2.01 9.77
N VAL B 387 -11.26 2.55 9.62
CA VAL B 387 -12.45 1.72 9.38
C VAL B 387 -13.06 2.14 8.06
N ALA B 388 -13.58 1.15 7.31
CA ALA B 388 -14.20 1.43 6.02
C ALA B 388 -15.46 2.26 6.27
N ILE B 389 -15.58 3.29 5.49
CA ILE B 389 -16.59 4.33 5.50
C ILE B 389 -16.30 5.33 6.60
S SO4 C . -34.68 -1.03 -27.06
O1 SO4 C . -34.07 -0.13 -28.10
O2 SO4 C . -35.85 -0.22 -26.48
O3 SO4 C . -33.75 -1.39 -25.98
O4 SO4 C . -35.26 -2.22 -27.74
S SO4 D . -4.86 -24.09 36.43
O1 SO4 D . -5.17 -23.28 35.23
O2 SO4 D . -5.90 -23.92 37.47
O3 SO4 D . -3.52 -23.72 36.97
O4 SO4 D . -4.75 -25.57 36.08
#